data_1D4M
#
_entry.id   1D4M
#
_cell.length_a   487.300
_cell.length_b   358.100
_cell.length_c   305.700
_cell.angle_alpha   90.00
_cell.angle_beta   128.10
_cell.angle_gamma   90.00
#
_symmetry.space_group_name_H-M   'C 1 2 1'
#
loop_
_entity.id
_entity.type
_entity.pdbx_description
1 polymer 'PROTEIN (COXSACKIEVIRUS A9)'
2 polymer 'PROTEIN (COXSACKIEVIRUS A9)'
3 polymer 'PROTEIN (COXSACKIEVIRUS A9)'
4 polymer 'PROTEIN (COXSACKIEVIRUS A9)'
5 non-polymer '5-(7-(4-(4,5-DIHYDRO-2-OXAZOLYL)PHENOXY)HEPTYL)-3-METHYL ISOXAZOLE'
6 non-polymer 'MYRISTIC ACID'
7 water water
#
loop_
_entity_poly.entity_id
_entity_poly.type
_entity_poly.pdbx_seq_one_letter_code
_entity_poly.pdbx_strand_id
1 'polypeptide(L)'
;GDVEEAIERAVVHVADTMRSGPSNSASVPALTAVETGHTSQVTPSDTMQTRHVKNYHSRSESTVENFLGRSACVYMEEYK
TTDNDVNKKFVAWPINTKQMVQMRRKLEMFTYLRFDMEVTFVITSRQDPGTTLAQDMPVLTHQIMYVPPGGPIPAKVDDY
AWQTSTNPSIFWTEGNAPARMSIPFISIGNAYSNFYDGWSNFDQRGSYGYNTLNNLGHIYVRHVSGSSPHPITSTIRVYF
KPKHTRAWVPRPPRLCQYKKAFSVDFTPTPITDTRKDINTVTTVAQSRRRGDMSTLNTH
;
1
2 'polypeptide(L)'
;SPTVEECGYSDRVRSITLGNSTITTQECANVVVGYGRWPTYLRDDEATAEDQPTQPDVATCRFYTLDSIKWEKGSVGWWW
KFPEALSDMGLFGQNMQYHYLGRAGYTIHVQCNASKFHQGCLLVVCVPEAEMGGAVVGQAFSATAMANGDKAYEFTSATQ
SDQTKVQTAIHNAGMGVGVGNLTIYPHQWINLRTNNSATIVMPYINSVPMDNMFRHYNFTLMVIPFVKLDYADTASTYVP
ITVTVAPMCAEYNGLRLAQAQ
;
2
3 'polypeptide(L)'
;GLPTMNTPGSTQFLTSDDFQSPCALPQFDVTPSMNIPGEVKNLMEIAEVDSVVPVNNVQDTTDQMEMFRIPVTINAPLQQ
QVFGLRLQPGLDSVFKHTLLGEILNYYAHWSGSMKLTFVFCGSAMATGKFLIAYSPPGANPPKTRKDAMLGTHIIWDIGL
QSSCVLCVPWISQTHYRLVQQDEYTSAGYVTCWYQTGMIVPPGTPNSSSIMCFASACNDFSVRMLRDTPFISQDNKLQ
;
3
4 'polypeptide(L)' GAQVSTQKTGAHETSLSAAGNSIIHYTNINYYKDAASNSANRQDFTQDPSKFTEPVKDVMIKSLPALN 4
#
# COMPACT_ATOMS: atom_id res chain seq x y z
N GLY A 1 20.12 12.73 35.30
CA GLY A 1 21.43 13.33 35.61
C GLY A 1 22.52 12.38 35.20
N ASP A 2 22.54 11.21 35.85
CA ASP A 2 23.50 10.13 35.60
C ASP A 2 22.74 9.06 34.78
N VAL A 3 21.78 8.41 35.44
CA VAL A 3 20.91 7.41 34.84
C VAL A 3 19.56 8.08 34.51
N GLU A 4 18.86 7.54 33.50
CA GLU A 4 17.57 8.05 33.03
C GLU A 4 16.61 6.87 32.85
N GLU A 5 15.34 7.05 33.22
CA GLU A 5 14.33 5.98 33.17
C GLU A 5 13.38 5.88 31.97
N ALA A 6 13.92 5.83 30.76
CA ALA A 6 13.09 5.69 29.56
C ALA A 6 12.57 4.24 29.40
N ILE A 7 12.48 3.47 30.50
CA ILE A 7 12.02 2.07 30.48
C ILE A 7 10.57 1.87 30.01
N GLU A 8 10.42 0.99 29.02
CA GLU A 8 9.11 0.66 28.46
C GLU A 8 8.62 -0.66 29.10
N ARG A 9 8.42 -0.62 30.42
CA ARG A 9 7.96 -1.75 31.24
C ARG A 9 6.51 -2.23 30.94
N ALA A 10 5.76 -1.44 30.15
CA ALA A 10 4.37 -1.75 29.75
C ALA A 10 4.23 -1.81 28.21
N VAL A 11 4.48 -2.98 27.61
CA VAL A 11 4.39 -3.17 26.15
C VAL A 11 3.09 -3.81 25.64
N VAL A 12 2.62 -3.35 24.47
CA VAL A 12 1.37 -3.81 23.85
C VAL A 12 1.33 -5.23 23.24
N HIS A 13 0.21 -5.89 23.48
CA HIS A 13 -0.07 -7.25 23.00
C HIS A 13 -1.21 -7.27 22.01
N VAL A 14 -1.50 -8.47 21.55
CA VAL A 14 -2.55 -8.72 20.59
C VAL A 14 -3.78 -8.98 21.49
N ALA A 15 -4.98 -8.72 20.99
CA ALA A 15 -6.20 -8.91 21.79
C ALA A 15 -6.49 -10.30 22.35
N ASP A 16 -6.95 -10.35 23.60
CA ASP A 16 -7.33 -11.61 24.26
C ASP A 16 -8.62 -12.15 23.66
N THR A 17 -8.88 -13.44 23.86
CA THR A 17 -10.15 -14.03 23.40
C THR A 17 -11.02 -14.15 24.67
N MET A 18 -12.20 -13.55 24.65
CA MET A 18 -13.12 -13.59 25.78
C MET A 18 -13.99 -14.84 25.73
N ARG A 19 -14.26 -15.45 26.88
CA ARG A 19 -15.14 -16.62 26.90
C ARG A 19 -16.50 -16.13 26.41
N SER A 20 -17.19 -16.96 25.65
CA SER A 20 -18.47 -16.58 25.09
C SER A 20 -19.37 -17.81 25.04
N GLY A 21 -20.58 -17.68 25.57
CA GLY A 21 -21.54 -18.78 25.58
C GLY A 21 -22.66 -18.63 24.57
N PRO A 22 -23.74 -19.44 24.69
CA PRO A 22 -24.89 -19.40 23.78
C PRO A 22 -25.59 -18.03 23.74
N SER A 23 -26.33 -17.76 22.66
CA SER A 23 -27.07 -16.49 22.53
C SER A 23 -28.29 -16.73 21.69
N ASN A 24 -29.28 -15.88 21.88
CA ASN A 24 -30.51 -15.92 21.12
C ASN A 24 -31.03 -14.49 21.27
N SER A 25 -30.68 -13.65 20.30
CA SER A 25 -31.06 -12.25 20.35
C SER A 25 -31.35 -11.58 19.00
N ALA A 26 -31.88 -10.35 19.05
CA ALA A 26 -32.17 -9.58 17.85
C ALA A 26 -30.88 -8.90 17.37
N SER A 27 -29.90 -8.81 18.28
CA SER A 27 -28.60 -8.21 17.99
C SER A 27 -27.81 -9.16 17.08
N VAL A 28 -27.53 -8.74 15.85
CA VAL A 28 -26.82 -9.59 14.85
C VAL A 28 -25.47 -9.05 14.28
N PRO A 29 -24.34 -9.32 14.96
CA PRO A 29 -22.96 -8.90 14.61
C PRO A 29 -22.38 -9.34 13.25
N ALA A 30 -22.70 -10.56 12.83
CA ALA A 30 -22.21 -11.14 11.58
C ALA A 30 -22.77 -10.57 10.26
N LEU A 31 -23.86 -9.81 10.32
CA LEU A 31 -24.45 -9.21 9.12
C LEU A 31 -24.05 -7.73 9.06
N THR A 32 -23.51 -7.29 7.93
CA THR A 32 -23.06 -5.91 7.79
C THR A 32 -23.31 -5.39 6.35
N ALA A 33 -22.80 -4.18 6.09
CA ALA A 33 -22.92 -3.52 4.79
C ALA A 33 -21.52 -3.09 4.35
N VAL A 34 -20.87 -3.98 3.62
CA VAL A 34 -19.53 -3.77 3.10
C VAL A 34 -19.44 -2.48 2.28
N GLU A 35 -20.60 -2.07 1.75
CA GLU A 35 -20.78 -0.87 0.94
C GLU A 35 -20.35 0.43 1.59
N THR A 36 -20.39 0.47 2.92
CA THR A 36 -20.00 1.68 3.66
C THR A 36 -18.50 1.97 3.57
N GLY A 37 -17.70 1.00 3.10
CA GLY A 37 -16.26 1.16 3.00
C GLY A 37 -15.61 0.84 4.35
N HIS A 38 -16.36 0.14 5.18
CA HIS A 38 -15.99 -0.26 6.54
C HIS A 38 -15.62 -1.75 6.60
N THR A 39 -14.50 -2.07 7.27
CA THR A 39 -14.07 -3.47 7.48
C THR A 39 -14.64 -3.88 8.87
N SER A 40 -15.36 -5.00 8.91
CA SER A 40 -15.98 -5.51 10.13
C SER A 40 -15.00 -5.75 11.29
N GLN A 41 -15.40 -5.37 12.51
CA GLN A 41 -14.58 -5.56 13.73
C GLN A 41 -14.93 -6.84 14.51
N VAL A 42 -15.54 -7.79 13.81
CA VAL A 42 -15.95 -9.06 14.38
C VAL A 42 -14.77 -9.89 14.88
N THR A 43 -15.03 -10.68 15.92
CA THR A 43 -14.04 -11.59 16.49
C THR A 43 -14.78 -12.91 16.71
N PRO A 44 -14.04 -14.02 16.84
CA PRO A 44 -14.68 -15.32 17.04
C PRO A 44 -15.81 -15.39 18.08
N SER A 45 -15.65 -14.67 19.19
CA SER A 45 -16.67 -14.68 20.23
C SER A 45 -18.02 -14.16 19.75
N ASP A 46 -18.03 -13.45 18.62
CA ASP A 46 -19.27 -12.91 18.05
C ASP A 46 -20.07 -13.94 17.31
N THR A 47 -19.40 -14.96 16.77
CA THR A 47 -20.10 -15.96 15.98
C THR A 47 -20.03 -17.42 16.45
N MET A 48 -19.35 -17.68 17.57
CA MET A 48 -19.25 -19.05 18.08
C MET A 48 -18.91 -19.00 19.56
N GLN A 49 -18.96 -20.14 20.24
CA GLN A 49 -18.61 -20.19 21.65
C GLN A 49 -17.09 -20.28 21.77
N THR A 50 -16.50 -19.36 22.52
CA THR A 50 -15.06 -19.36 22.69
C THR A 50 -14.69 -19.57 24.15
N ARG A 51 -13.45 -19.98 24.39
CA ARG A 51 -12.95 -20.15 25.74
C ARG A 51 -12.16 -18.87 25.95
N HIS A 52 -11.72 -18.61 27.18
CA HIS A 52 -10.91 -17.42 27.39
C HIS A 52 -9.46 -17.79 27.04
N VAL A 53 -8.75 -16.90 26.34
CA VAL A 53 -7.36 -17.14 26.00
C VAL A 53 -6.57 -15.88 26.32
N LYS A 54 -5.58 -15.98 27.22
CA LYS A 54 -4.74 -14.84 27.54
C LYS A 54 -3.64 -14.85 26.50
N ASN A 55 -3.77 -13.95 25.53
CA ASN A 55 -2.84 -13.88 24.43
C ASN A 55 -1.65 -12.96 24.65
N TYR A 56 -0.46 -13.55 24.61
CA TYR A 56 0.78 -12.81 24.82
C TYR A 56 1.51 -12.45 23.53
N HIS A 57 0.93 -12.77 22.38
CA HIS A 57 1.57 -12.47 21.11
C HIS A 57 1.66 -10.96 20.95
N SER A 58 2.71 -10.50 20.30
CA SER A 58 2.92 -9.08 20.13
C SER A 58 3.34 -8.77 18.69
N ARG A 59 2.91 -7.62 18.18
CA ARG A 59 3.23 -7.20 16.82
C ARG A 59 4.54 -6.41 16.69
N SER A 60 5.50 -6.67 17.57
CA SER A 60 6.78 -5.96 17.58
C SER A 60 7.60 -6.00 16.28
N GLU A 61 7.62 -7.15 15.63
CA GLU A 61 8.41 -7.28 14.42
C GLU A 61 7.77 -6.70 13.18
N SER A 62 6.54 -6.20 13.29
CA SER A 62 5.88 -5.65 12.12
C SER A 62 5.64 -4.13 12.13
N THR A 63 6.43 -3.41 12.92
CA THR A 63 6.31 -1.96 12.97
C THR A 63 7.01 -1.47 11.70
N VAL A 64 6.66 -0.29 11.17
CA VAL A 64 7.34 0.13 9.95
C VAL A 64 8.83 0.32 10.18
N GLU A 65 9.21 0.78 11.37
CA GLU A 65 10.62 0.97 11.69
C GLU A 65 11.35 -0.35 11.52
N ASN A 66 10.72 -1.42 11.99
CA ASN A 66 11.34 -2.74 11.89
C ASN A 66 11.32 -3.37 10.53
N PHE A 67 10.23 -3.18 9.81
CA PHE A 67 10.10 -3.72 8.48
C PHE A 67 11.13 -3.08 7.53
N LEU A 68 11.28 -1.76 7.59
CA LEU A 68 12.22 -1.07 6.73
C LEU A 68 13.66 -1.03 7.23
N GLY A 69 13.83 -1.19 8.55
CA GLY A 69 15.13 -1.12 9.18
C GLY A 69 16.15 -2.25 9.09
N ARG A 70 16.49 -2.69 7.88
CA ARG A 70 17.51 -3.72 7.64
C ARG A 70 18.25 -3.18 6.43
N SER A 71 19.56 -3.36 6.39
CA SER A 71 20.33 -2.84 5.27
C SER A 71 20.02 -3.65 4.03
N ALA A 72 19.78 -2.97 2.91
CA ALA A 72 19.48 -3.65 1.65
C ALA A 72 20.40 -3.11 0.55
N CYS A 73 20.85 -3.99 -0.33
CA CYS A 73 21.73 -3.55 -1.41
C CYS A 73 20.89 -2.72 -2.40
N VAL A 74 21.29 -1.47 -2.62
CA VAL A 74 20.57 -0.61 -3.55
C VAL A 74 21.35 -0.33 -4.83
N TYR A 75 22.62 -0.71 -4.86
CA TYR A 75 23.43 -0.50 -6.05
C TYR A 75 24.77 -1.24 -5.96
N MET A 76 25.34 -1.53 -7.12
CA MET A 76 26.66 -2.17 -7.21
C MET A 76 27.24 -1.88 -8.60
N GLU A 77 28.55 -1.67 -8.65
CA GLU A 77 29.25 -1.38 -9.89
C GLU A 77 30.73 -1.68 -9.73
N GLU A 78 31.43 -1.82 -10.85
CA GLU A 78 32.86 -2.12 -10.78
C GLU A 78 33.70 -0.98 -11.30
N TYR A 79 34.91 -0.87 -10.77
CA TYR A 79 35.83 0.15 -11.23
C TYR A 79 37.22 -0.49 -11.18
N LYS A 80 37.97 -0.33 -12.27
CA LYS A 80 39.29 -0.91 -12.36
C LYS A 80 40.40 0.00 -11.85
N THR A 81 41.45 -0.66 -11.41
CA THR A 81 42.62 -0.02 -10.87
C THR A 81 43.46 0.60 -12.00
N THR A 82 43.43 -0.04 -13.16
CA THR A 82 44.17 0.39 -14.34
C THR A 82 43.42 -0.10 -15.59
N ASP A 83 43.21 0.80 -16.55
CA ASP A 83 42.50 0.48 -17.78
C ASP A 83 42.74 1.64 -18.75
N ASN A 84 42.61 1.38 -20.04
CA ASN A 84 42.80 2.40 -21.06
C ASN A 84 41.63 3.36 -21.13
N ASP A 85 40.47 2.87 -20.74
CA ASP A 85 39.25 3.64 -20.76
C ASP A 85 39.09 4.37 -19.43
N VAL A 86 39.15 5.70 -19.50
CA VAL A 86 39.03 6.58 -18.34
C VAL A 86 37.83 6.27 -17.47
N ASN A 87 36.69 5.98 -18.09
CA ASN A 87 35.47 5.71 -17.35
C ASN A 87 35.37 4.39 -16.66
N LYS A 88 36.26 3.47 -17.00
CA LYS A 88 36.26 2.16 -16.40
C LYS A 88 36.97 2.20 -15.04
N LYS A 89 37.63 3.33 -14.75
CA LYS A 89 38.38 3.49 -13.51
C LYS A 89 37.73 4.19 -12.31
N PHE A 90 36.45 4.52 -12.39
CA PHE A 90 35.76 5.17 -11.26
C PHE A 90 34.25 5.02 -11.44
N VAL A 91 33.48 5.11 -10.35
CA VAL A 91 32.05 5.00 -10.51
C VAL A 91 31.36 6.34 -10.25
N ALA A 92 30.30 6.59 -11.01
CA ALA A 92 29.50 7.81 -10.89
C ALA A 92 28.05 7.33 -10.81
N TRP A 93 27.46 7.41 -9.63
CA TRP A 93 26.09 6.94 -9.46
C TRP A 93 25.11 8.00 -9.00
N PRO A 94 24.01 8.20 -9.75
CA PRO A 94 22.96 9.17 -9.41
C PRO A 94 22.11 8.48 -8.36
N ILE A 95 22.27 8.88 -7.10
CA ILE A 95 21.55 8.26 -5.98
C ILE A 95 20.05 8.14 -6.22
N ASN A 96 19.54 6.93 -6.00
CA ASN A 96 18.11 6.62 -6.11
C ASN A 96 17.84 5.25 -5.46
N THR A 97 16.57 4.88 -5.30
CA THR A 97 16.23 3.60 -4.66
C THR A 97 15.35 2.75 -5.58
N LYS A 98 15.46 2.97 -6.88
CA LYS A 98 14.62 2.28 -7.84
C LYS A 98 15.25 1.19 -8.69
N GLN A 99 16.56 0.96 -8.55
CA GLN A 99 17.25 -0.02 -9.37
C GLN A 99 17.34 -1.43 -8.85
N MET A 100 17.23 -1.59 -7.54
CA MET A 100 17.26 -2.90 -6.90
C MET A 100 15.85 -3.18 -6.41
N VAL A 101 15.26 -4.16 -7.06
CA VAL A 101 13.92 -4.63 -6.89
C VAL A 101 13.36 -4.88 -5.49
N GLN A 102 14.11 -5.52 -4.60
CA GLN A 102 13.61 -5.81 -3.24
C GLN A 102 13.32 -4.57 -2.40
N MET A 103 14.32 -3.71 -2.23
CA MET A 103 14.17 -2.46 -1.47
C MET A 103 13.05 -1.62 -2.08
N ARG A 104 13.04 -1.53 -3.41
CA ARG A 104 12.06 -0.75 -4.12
C ARG A 104 10.63 -1.17 -3.78
N ARG A 105 10.36 -2.47 -3.82
CA ARG A 105 9.02 -2.95 -3.50
C ARG A 105 8.58 -2.61 -2.09
N LYS A 106 9.52 -2.66 -1.14
CA LYS A 106 9.21 -2.35 0.25
C LYS A 106 8.87 -0.88 0.45
N LEU A 107 9.74 -0.01 -0.03
CA LEU A 107 9.48 1.42 0.11
C LEU A 107 8.19 1.80 -0.59
N GLU A 108 7.97 1.22 -1.75
CA GLU A 108 6.79 1.51 -2.54
C GLU A 108 5.47 1.05 -1.97
N MET A 109 5.50 0.45 -0.79
CA MET A 109 4.26 0.05 -0.14
C MET A 109 3.64 1.26 0.56
N PHE A 110 4.35 2.38 0.56
CA PHE A 110 3.90 3.61 1.18
C PHE A 110 4.08 4.69 0.15
N THR A 111 3.23 5.73 0.19
CA THR A 111 3.33 6.81 -0.78
C THR A 111 4.40 7.83 -0.36
N TYR A 112 4.40 8.18 0.92
CA TYR A 112 5.34 9.14 1.48
C TYR A 112 6.09 8.49 2.62
N LEU A 113 7.35 8.87 2.75
CA LEU A 113 8.23 8.32 3.78
C LEU A 113 9.12 9.44 4.31
N ARG A 114 9.46 9.37 5.58
CA ARG A 114 10.34 10.35 6.19
C ARG A 114 11.24 9.56 7.13
N PHE A 115 12.55 9.63 6.91
CA PHE A 115 13.50 8.91 7.74
C PHE A 115 14.94 9.39 7.60
N ASP A 116 15.78 8.95 8.52
CA ASP A 116 17.20 9.24 8.49
C ASP A 116 17.74 8.01 7.77
N MET A 117 18.96 8.09 7.28
CA MET A 117 19.47 6.97 6.51
C MET A 117 20.87 6.53 6.93
N GLU A 118 21.02 5.23 7.17
CA GLU A 118 22.33 4.69 7.51
C GLU A 118 22.85 4.06 6.24
N VAL A 119 24.04 4.45 5.81
CA VAL A 119 24.64 3.93 4.57
C VAL A 119 25.90 3.11 4.88
N THR A 120 25.94 1.86 4.42
CA THR A 120 27.11 0.99 4.62
C THR A 120 27.64 0.55 3.24
N PHE A 121 28.95 0.55 3.08
CA PHE A 121 29.57 0.17 1.83
C PHE A 121 30.37 -1.08 1.98
N VAL A 122 30.21 -1.99 1.03
CA VAL A 122 30.96 -3.23 1.01
C VAL A 122 31.78 -3.17 -0.29
N ILE A 123 33.09 -3.07 -0.14
CA ILE A 123 34.00 -2.99 -1.27
C ILE A 123 34.94 -4.20 -1.27
N THR A 124 35.00 -4.92 -2.40
CA THR A 124 35.89 -6.08 -2.51
C THR A 124 36.70 -5.96 -3.81
N SER A 125 37.91 -6.50 -3.81
CA SER A 125 38.78 -6.44 -4.98
C SER A 125 39.29 -7.81 -5.40
N ARG A 126 39.48 -7.99 -6.71
CA ARG A 126 39.97 -9.24 -7.25
C ARG A 126 40.95 -8.94 -8.39
N GLN A 127 41.99 -9.75 -8.50
CA GLN A 127 42.97 -9.56 -9.56
C GLN A 127 42.41 -10.14 -10.85
N ASP A 128 42.45 -9.35 -11.90
CA ASP A 128 41.96 -9.78 -13.19
C ASP A 128 42.81 -10.90 -13.72
N PRO A 129 42.18 -11.90 -14.37
CA PRO A 129 42.90 -13.04 -14.94
C PRO A 129 43.77 -12.55 -16.11
N GLY A 130 44.86 -13.27 -16.39
CA GLY A 130 45.75 -12.88 -17.46
C GLY A 130 46.89 -13.87 -17.56
N THR A 131 47.78 -13.64 -18.52
CA THR A 131 48.93 -14.52 -18.73
C THR A 131 49.99 -14.37 -17.64
N THR A 132 50.32 -13.14 -17.27
CA THR A 132 51.31 -12.90 -16.23
C THR A 132 50.63 -12.17 -15.07
N LEU A 133 50.53 -12.86 -13.94
CA LEU A 133 49.87 -12.35 -12.74
C LEU A 133 50.77 -12.02 -11.55
N ALA A 134 52.04 -12.39 -11.61
CA ALA A 134 52.95 -12.09 -10.50
C ALA A 134 53.18 -10.60 -10.25
N GLN A 135 52.78 -10.15 -9.07
CA GLN A 135 52.99 -8.78 -8.63
C GLN A 135 52.84 -8.78 -7.13
N ASP A 136 53.18 -7.67 -6.51
CA ASP A 136 53.11 -7.56 -5.07
C ASP A 136 52.59 -6.17 -4.78
N MET A 137 51.27 -6.05 -4.84
CA MET A 137 50.62 -4.78 -4.64
C MET A 137 50.25 -4.53 -3.15
N PRO A 138 50.62 -3.34 -2.61
CA PRO A 138 50.30 -2.99 -1.21
C PRO A 138 48.77 -2.88 -1.06
N VAL A 139 48.27 -2.73 0.17
CA VAL A 139 46.83 -2.63 0.41
C VAL A 139 46.21 -1.42 -0.30
N LEU A 140 44.98 -1.60 -0.79
CA LEU A 140 44.27 -0.55 -1.50
C LEU A 140 43.39 0.33 -0.61
N THR A 141 43.32 1.61 -0.97
CA THR A 141 42.52 2.60 -0.27
C THR A 141 41.57 3.24 -1.27
N HIS A 142 40.30 3.36 -0.89
CA HIS A 142 39.27 3.91 -1.77
C HIS A 142 38.73 5.22 -1.22
N GLN A 143 38.23 6.06 -2.12
CA GLN A 143 37.63 7.31 -1.70
C GLN A 143 36.22 7.31 -2.25
N ILE A 144 35.26 7.61 -1.39
CA ILE A 144 33.86 7.69 -1.76
C ILE A 144 33.46 9.13 -1.48
N MET A 145 33.05 9.86 -2.51
CA MET A 145 32.67 11.26 -2.36
C MET A 145 31.24 11.50 -2.76
N TYR A 146 30.54 12.30 -1.96
CA TYR A 146 29.17 12.63 -2.25
C TYR A 146 29.12 14.02 -2.85
N VAL A 147 28.56 14.14 -4.05
CA VAL A 147 28.47 15.45 -4.71
C VAL A 147 27.03 15.92 -4.76
N PRO A 148 26.65 16.88 -3.89
CA PRO A 148 25.28 17.41 -3.86
C PRO A 148 24.99 18.02 -5.24
N PRO A 149 23.71 18.05 -5.65
CA PRO A 149 23.36 18.61 -6.95
C PRO A 149 23.98 19.97 -7.30
N GLY A 150 24.72 20.00 -8.40
CA GLY A 150 25.33 21.24 -8.84
C GLY A 150 26.82 21.36 -8.58
N GLY A 151 27.36 20.50 -7.72
CA GLY A 151 28.78 20.55 -7.44
C GLY A 151 29.60 20.05 -8.63
N PRO A 152 30.90 20.37 -8.68
CA PRO A 152 31.79 19.94 -9.77
C PRO A 152 31.86 18.41 -9.84
N ILE A 153 31.71 17.84 -11.02
CA ILE A 153 31.79 16.39 -11.11
C ILE A 153 33.13 15.96 -11.70
N PRO A 154 33.76 14.95 -11.11
CA PRO A 154 35.05 14.44 -11.59
C PRO A 154 34.91 13.84 -12.99
N ALA A 155 35.86 14.14 -13.86
CA ALA A 155 35.86 13.61 -15.22
C ALA A 155 36.86 12.47 -15.35
N LYS A 156 37.74 12.29 -14.36
CA LYS A 156 38.76 11.24 -14.37
C LYS A 156 39.28 10.99 -12.95
N VAL A 157 39.92 9.84 -12.70
CA VAL A 157 40.40 9.54 -11.33
C VAL A 157 41.32 10.56 -10.72
N ASP A 158 42.11 11.22 -11.54
CA ASP A 158 43.05 12.20 -11.04
C ASP A 158 42.61 13.66 -11.17
N ASP A 159 41.33 13.99 -11.17
CA ASP A 159 41.03 15.40 -11.28
C ASP A 159 40.78 16.19 -9.99
N TYR A 160 40.97 17.50 -10.07
CA TYR A 160 40.86 18.41 -8.92
C TYR A 160 39.67 18.24 -8.02
N ALA A 161 38.52 17.86 -8.58
CA ALA A 161 37.29 17.72 -7.81
C ALA A 161 37.40 16.81 -6.59
N TRP A 162 38.33 15.84 -6.66
CA TRP A 162 38.55 14.89 -5.58
C TRP A 162 39.16 15.49 -4.32
N GLN A 163 39.45 16.79 -4.34
CA GLN A 163 39.99 17.51 -3.18
C GLN A 163 38.98 17.56 -2.04
N THR A 164 37.68 17.47 -2.35
CA THR A 164 36.59 17.52 -1.35
C THR A 164 36.70 18.55 -0.25
N SER A 165 37.11 19.77 -0.57
CA SER A 165 37.23 20.77 0.48
C SER A 165 35.90 20.99 1.21
N THR A 166 34.79 20.72 0.52
CA THR A 166 33.47 20.89 1.10
C THR A 166 32.54 19.67 0.99
N ASN A 167 32.61 18.92 -0.10
CA ASN A 167 31.74 17.73 -0.20
C ASN A 167 32.25 16.71 0.79
N PRO A 168 31.35 15.87 1.34
CA PRO A 168 31.77 14.84 2.29
C PRO A 168 32.33 13.62 1.53
N SER A 169 33.46 13.09 2.02
CA SER A 169 34.15 11.93 1.45
C SER A 169 34.55 10.97 2.55
N ILE A 170 34.74 9.72 2.17
CA ILE A 170 35.20 8.70 3.11
C ILE A 170 36.42 8.06 2.46
N PHE A 171 37.49 7.95 3.24
CA PHE A 171 38.69 7.27 2.77
C PHE A 171 38.68 5.99 3.59
N TRP A 172 38.72 4.85 2.89
CA TRP A 172 38.65 3.54 3.53
C TRP A 172 39.70 2.59 2.97
N THR A 173 40.32 1.81 3.85
CA THR A 173 41.37 0.85 3.47
C THR A 173 40.91 -0.60 3.63
N GLU A 174 41.18 -1.41 2.61
CA GLU A 174 40.79 -2.80 2.61
C GLU A 174 41.32 -3.61 3.79
N GLY A 175 40.53 -4.59 4.21
CA GLY A 175 40.90 -5.45 5.33
C GLY A 175 40.20 -5.04 6.61
N ASN A 176 39.57 -3.87 6.58
CA ASN A 176 38.88 -3.29 7.72
C ASN A 176 37.36 -3.45 7.70
N ALA A 177 36.71 -3.06 8.80
CA ALA A 177 35.25 -3.11 8.92
C ALA A 177 34.66 -2.23 7.81
N PRO A 178 33.56 -2.66 7.19
CA PRO A 178 32.95 -1.86 6.11
C PRO A 178 32.64 -0.42 6.56
N ALA A 179 32.88 0.54 5.66
CA ALA A 179 32.63 1.96 5.92
C ALA A 179 31.13 2.21 6.14
N ARG A 180 30.82 3.19 6.98
CA ARG A 180 29.42 3.51 7.28
C ARG A 180 29.23 4.90 7.83
N MET A 181 28.06 5.49 7.59
CA MET A 181 27.74 6.81 8.12
C MET A 181 26.26 7.07 8.03
N SER A 182 25.78 8.07 8.76
CA SER A 182 24.37 8.42 8.76
C SER A 182 24.15 9.75 8.04
N ILE A 183 23.01 9.85 7.35
CA ILE A 183 22.59 11.04 6.63
C ILE A 183 21.23 11.37 7.20
N PRO A 184 20.95 12.66 7.49
CA PRO A 184 19.63 12.97 8.04
C PRO A 184 18.58 13.03 6.92
N PHE A 185 17.33 13.34 7.27
CA PHE A 185 16.26 13.48 6.29
C PHE A 185 16.59 14.73 5.46
N ILE A 186 17.05 14.53 4.21
CA ILE A 186 17.48 15.65 3.38
C ILE A 186 16.56 16.20 2.29
N SER A 187 15.31 15.75 2.23
CA SER A 187 14.40 16.25 1.21
C SER A 187 14.12 17.76 1.32
N ILE A 188 13.74 18.39 0.20
CA ILE A 188 13.38 19.80 0.23
C ILE A 188 11.87 19.86 0.57
N GLY A 189 11.23 18.70 0.54
CA GLY A 189 9.83 18.61 0.87
C GLY A 189 9.70 18.11 2.30
N ASN A 190 8.47 17.91 2.76
CA ASN A 190 8.27 17.45 4.13
C ASN A 190 8.38 15.95 4.29
N ALA A 191 8.38 15.24 3.16
CA ALA A 191 8.51 13.79 3.13
C ALA A 191 9.02 13.40 1.74
N TYR A 192 9.69 12.26 1.65
CA TYR A 192 10.17 11.76 0.36
C TYR A 192 8.93 11.20 -0.35
N SER A 193 8.83 11.37 -1.67
CA SER A 193 7.69 10.83 -2.41
C SER A 193 8.10 9.61 -3.20
N ASN A 194 7.41 8.49 -3.02
CA ASN A 194 7.77 7.31 -3.81
C ASN A 194 7.14 7.37 -5.20
N PHE A 195 6.06 8.16 -5.31
CA PHE A 195 5.31 8.33 -6.55
C PHE A 195 5.00 9.79 -6.69
N TYR A 196 4.80 10.22 -7.92
CA TYR A 196 4.48 11.60 -8.24
C TYR A 196 3.65 11.58 -9.53
N ASP A 197 2.34 11.73 -9.41
CA ASP A 197 1.47 11.73 -10.58
C ASP A 197 1.43 13.15 -11.10
N GLY A 198 2.46 13.53 -11.84
CA GLY A 198 2.52 14.88 -12.35
C GLY A 198 3.68 15.13 -13.29
N TRP A 199 3.79 16.38 -13.70
CA TRP A 199 4.81 16.82 -14.63
C TRP A 199 5.82 17.79 -14.03
N SER A 200 6.87 18.06 -14.78
CA SER A 200 7.88 19.00 -14.32
C SER A 200 7.49 20.41 -14.75
N ASN A 201 6.85 20.52 -15.91
CA ASN A 201 6.43 21.80 -16.46
C ASN A 201 5.00 22.12 -16.10
N PHE A 202 4.71 23.40 -15.91
CA PHE A 202 3.37 23.88 -15.53
C PHE A 202 2.34 23.64 -16.63
N ASP A 203 2.89 23.49 -17.81
CA ASP A 203 2.27 23.21 -19.08
C ASP A 203 1.61 21.82 -19.12
N GLN A 204 2.02 20.96 -18.20
CA GLN A 204 1.63 19.55 -18.13
C GLN A 204 2.44 18.82 -19.23
N ARG A 205 3.73 19.10 -19.28
CA ARG A 205 4.66 18.53 -20.25
C ARG A 205 5.99 18.32 -19.52
N GLY A 206 7.00 17.82 -20.23
CA GLY A 206 8.30 17.59 -19.60
C GLY A 206 8.41 16.16 -19.08
N SER A 207 9.04 15.98 -17.92
CA SER A 207 9.15 14.65 -17.33
C SER A 207 7.85 14.34 -16.64
N TYR A 208 7.51 13.06 -16.61
CA TYR A 208 6.32 12.60 -15.92
C TYR A 208 6.76 11.59 -14.86
N GLY A 209 6.17 11.65 -13.67
CA GLY A 209 6.51 10.67 -12.67
C GLY A 209 7.54 11.03 -11.63
N TYR A 210 7.71 10.12 -10.67
CA TYR A 210 8.63 10.33 -9.56
C TYR A 210 10.02 10.77 -9.90
N ASN A 211 10.49 10.41 -11.08
CA ASN A 211 11.81 10.80 -11.45
C ASN A 211 11.99 12.31 -11.45
N THR A 212 10.91 13.06 -11.65
CA THR A 212 11.06 14.50 -11.67
C THR A 212 11.44 15.07 -10.30
N LEU A 213 11.17 14.34 -9.21
CA LEU A 213 11.51 14.78 -7.86
C LEU A 213 12.84 14.21 -7.37
N ASN A 214 13.52 13.42 -8.18
CA ASN A 214 14.78 12.85 -7.71
C ASN A 214 15.99 13.72 -8.00
N ASN A 215 16.48 14.43 -6.99
CA ASN A 215 17.66 15.23 -7.21
C ASN A 215 18.43 15.24 -5.91
N LEU A 216 18.91 14.05 -5.57
CA LEU A 216 19.66 13.80 -4.35
C LEU A 216 21.16 13.88 -4.61
N GLY A 217 21.57 14.01 -5.87
CA GLY A 217 22.98 14.11 -6.15
C GLY A 217 23.61 12.78 -6.56
N HIS A 218 24.93 12.75 -6.54
CA HIS A 218 25.68 11.57 -6.95
C HIS A 218 26.67 11.09 -5.93
N ILE A 219 27.13 9.87 -6.15
CA ILE A 219 28.17 9.25 -5.35
C ILE A 219 29.25 8.94 -6.37
N TYR A 220 30.48 9.33 -6.06
CA TYR A 220 31.63 9.10 -6.92
C TYR A 220 32.66 8.33 -6.12
N VAL A 221 33.22 7.28 -6.70
CA VAL A 221 34.22 6.48 -5.99
C VAL A 221 35.40 6.12 -6.90
N ARG A 222 36.61 6.16 -6.34
CA ARG A 222 37.84 5.83 -7.09
C ARG A 222 38.83 5.18 -6.14
N HIS A 223 39.90 4.64 -6.72
CA HIS A 223 40.99 4.07 -5.91
C HIS A 223 41.80 5.32 -5.62
N VAL A 224 42.48 5.38 -4.47
CA VAL A 224 43.25 6.57 -4.21
C VAL A 224 44.49 6.57 -5.09
N SER A 225 45.64 6.06 -4.70
CA SER A 225 46.66 6.10 -5.77
C SER A 225 47.00 4.67 -6.05
N GLY A 226 45.98 3.94 -6.54
CA GLY A 226 46.12 2.52 -6.74
C GLY A 226 46.49 1.92 -8.06
N SER A 227 47.14 2.67 -8.94
CA SER A 227 47.50 2.08 -10.21
C SER A 227 48.42 0.86 -10.03
N SER A 228 47.96 -0.30 -10.46
CA SER A 228 48.76 -1.50 -10.33
C SER A 228 49.28 -1.96 -11.70
N PRO A 229 50.42 -2.69 -11.72
CA PRO A 229 51.02 -3.19 -12.97
C PRO A 229 49.99 -3.99 -13.77
N HIS A 230 49.30 -4.93 -13.11
CA HIS A 230 48.28 -5.73 -13.77
C HIS A 230 46.99 -5.27 -13.14
N PRO A 231 45.92 -5.12 -13.95
CA PRO A 231 44.64 -4.65 -13.41
C PRO A 231 43.98 -5.47 -12.33
N ILE A 232 43.37 -4.73 -11.40
CA ILE A 232 42.61 -5.28 -10.27
C ILE A 232 41.23 -4.64 -10.42
N THR A 233 40.18 -5.44 -10.22
CA THR A 233 38.82 -4.92 -10.31
C THR A 233 38.15 -4.90 -8.95
N SER A 234 37.70 -3.71 -8.54
CA SER A 234 36.99 -3.55 -7.28
C SER A 234 35.50 -3.43 -7.58
N THR A 235 34.69 -3.97 -6.69
CA THR A 235 33.25 -3.90 -6.83
C THR A 235 32.72 -3.24 -5.56
N ILE A 236 31.92 -2.19 -5.72
CA ILE A 236 31.35 -1.53 -4.56
C ILE A 236 29.86 -1.84 -4.49
N ARG A 237 29.40 -2.15 -3.29
CA ARG A 237 27.99 -2.44 -3.06
C ARG A 237 27.53 -1.46 -2.00
N VAL A 238 26.45 -0.73 -2.27
CA VAL A 238 25.94 0.24 -1.31
C VAL A 238 24.62 -0.21 -0.69
N TYR A 239 24.60 -0.19 0.64
CA TYR A 239 23.44 -0.59 1.44
C TYR A 239 22.77 0.59 2.14
N PHE A 240 21.43 0.59 2.09
CA PHE A 240 20.63 1.64 2.74
C PHE A 240 19.81 0.99 3.85
N LYS A 241 19.74 1.65 5.00
CA LYS A 241 18.95 1.17 6.15
C LYS A 241 18.25 2.38 6.71
N PRO A 242 16.97 2.55 6.41
CA PRO A 242 16.24 3.71 6.94
C PRO A 242 16.08 3.56 8.45
N LYS A 243 16.14 4.65 9.19
CA LYS A 243 15.94 4.62 10.64
C LYS A 243 15.23 5.90 11.08
N HIS A 244 14.42 5.80 12.14
CA HIS A 244 13.65 6.93 12.67
C HIS A 244 12.62 7.24 11.59
N THR A 245 11.93 6.19 11.19
CA THR A 245 10.95 6.22 10.10
C THR A 245 9.51 6.56 10.40
N ARG A 246 8.89 7.20 9.42
CA ARG A 246 7.48 7.56 9.45
C ARG A 246 7.01 7.30 8.03
N ALA A 247 5.81 6.73 7.90
CA ALA A 247 5.25 6.40 6.60
C ALA A 247 3.77 6.82 6.49
N TRP A 248 3.37 7.28 5.32
CA TRP A 248 1.98 7.69 5.11
C TRP A 248 1.36 7.13 3.86
N VAL A 249 0.04 7.00 3.92
CA VAL A 249 -0.81 6.48 2.84
C VAL A 249 -0.22 5.28 2.10
N PRO A 250 -0.48 4.11 2.67
CA PRO A 250 -0.06 2.78 2.21
C PRO A 250 -0.74 2.40 0.89
N ARG A 251 -0.02 1.67 0.02
CA ARG A 251 -0.56 1.27 -1.27
C ARG A 251 -0.47 -0.23 -1.51
N PRO A 252 -1.22 -0.77 -2.51
CA PRO A 252 -1.13 -2.23 -2.76
C PRO A 252 0.31 -2.52 -3.19
N PRO A 253 0.85 -3.68 -2.81
CA PRO A 253 2.23 -4.02 -3.20
C PRO A 253 2.31 -4.21 -4.72
N ARG A 254 3.48 -3.94 -5.29
CA ARG A 254 3.71 -4.08 -6.73
C ARG A 254 3.46 -5.52 -7.17
N LEU A 255 2.53 -5.76 -8.09
CA LEU A 255 2.22 -7.12 -8.58
C LEU A 255 3.05 -7.51 -9.81
N CYS A 256 3.11 -6.60 -10.79
CA CYS A 256 3.87 -6.84 -12.01
C CYS A 256 5.34 -6.65 -11.76
N GLN A 257 6.17 -7.41 -12.48
CA GLN A 257 7.62 -7.26 -12.31
C GLN A 257 8.02 -5.87 -12.81
N TYR A 258 9.11 -5.32 -12.28
CA TYR A 258 9.59 -4.01 -12.68
C TYR A 258 10.32 -4.10 -14.02
N LYS A 259 10.15 -3.09 -14.86
CA LYS A 259 10.78 -3.06 -16.18
C LYS A 259 11.78 -1.93 -16.32
N LYS A 260 11.50 -0.79 -15.69
CA LYS A 260 12.37 0.37 -15.78
C LYS A 260 12.76 0.91 -14.42
N ALA A 261 13.92 1.52 -14.33
CA ALA A 261 14.37 2.10 -13.07
C ALA A 261 13.62 3.38 -12.76
N PHE A 262 13.37 4.21 -13.78
CA PHE A 262 12.69 5.48 -13.55
C PHE A 262 11.25 5.67 -14.01
N SER A 263 10.49 4.58 -14.05
CA SER A 263 9.08 4.66 -14.37
C SER A 263 8.34 3.45 -13.87
N VAL A 264 7.06 3.69 -13.63
CA VAL A 264 6.14 2.71 -13.13
C VAL A 264 5.84 1.58 -14.13
N ASP A 265 6.22 1.82 -15.40
CA ASP A 265 5.99 0.90 -16.50
C ASP A 265 5.99 -0.57 -16.21
N PHE A 266 5.01 -1.27 -16.77
CA PHE A 266 4.84 -2.69 -16.55
C PHE A 266 4.12 -3.38 -17.72
N THR A 267 4.05 -4.69 -17.61
CA THR A 267 3.39 -5.56 -18.58
C THR A 267 2.24 -6.20 -17.79
N PRO A 268 0.99 -6.13 -18.31
CA PRO A 268 -0.12 -6.74 -17.57
C PRO A 268 0.17 -8.16 -17.08
N THR A 269 -0.12 -8.39 -15.80
CA THR A 269 0.09 -9.68 -15.17
C THR A 269 -1.23 -10.10 -14.53
N PRO A 270 -1.61 -11.38 -14.64
CA PRO A 270 -2.86 -11.86 -14.05
C PRO A 270 -2.93 -11.70 -12.52
N ILE A 271 -4.16 -11.52 -12.01
CA ILE A 271 -4.47 -11.35 -10.58
C ILE A 271 -3.70 -12.33 -9.71
N THR A 272 -3.77 -13.61 -10.05
CA THR A 272 -3.10 -14.67 -9.30
C THR A 272 -3.07 -15.93 -10.20
N ASP A 273 -2.59 -17.05 -9.67
CA ASP A 273 -2.53 -18.29 -10.44
C ASP A 273 -3.84 -19.04 -10.34
N THR A 274 -4.08 -19.97 -11.26
CA THR A 274 -5.35 -20.68 -11.27
C THR A 274 -5.32 -22.12 -10.75
N ARG A 275 -6.51 -22.71 -10.57
CA ARG A 275 -6.70 -24.10 -10.12
C ARG A 275 -7.79 -24.68 -11.04
N LYS A 276 -8.00 -26.01 -11.09
CA LYS A 276 -9.02 -26.50 -12.05
C LYS A 276 -10.43 -26.01 -11.88
N ASP A 277 -11.00 -26.11 -10.68
CA ASP A 277 -12.35 -25.58 -10.49
C ASP A 277 -12.45 -24.89 -9.14
N ILE A 278 -13.57 -24.21 -8.94
CA ILE A 278 -13.86 -23.44 -7.73
C ILE A 278 -14.00 -24.27 -6.45
N ASN A 279 -13.94 -25.60 -6.56
CA ASN A 279 -14.06 -26.48 -5.41
C ASN A 279 -12.78 -27.29 -5.15
N THR A 280 -11.81 -27.20 -6.05
CA THR A 280 -10.56 -27.93 -5.91
C THR A 280 -9.82 -27.48 -4.67
N VAL A 281 -9.54 -28.45 -3.81
CA VAL A 281 -8.91 -28.16 -2.54
C VAL A 281 -7.74 -29.11 -2.21
N THR A 282 -7.54 -30.12 -3.04
CA THR A 282 -6.48 -31.11 -2.90
C THR A 282 -5.25 -30.60 -3.64
N THR A 283 -4.11 -31.29 -3.50
CA THR A 283 -2.89 -30.88 -4.19
C THR A 283 -2.66 -31.71 -5.47
N VAL A 284 -2.88 -33.02 -5.41
CA VAL A 284 -2.74 -33.93 -6.56
C VAL A 284 -4.14 -34.21 -7.11
N SER B 10 -34.50 7.11 8.86
CA SER B 10 -33.28 6.27 8.69
C SER B 10 -32.02 7.12 8.54
N ASP B 11 -30.88 6.44 8.44
CA ASP B 11 -29.55 7.06 8.25
C ASP B 11 -29.27 7.11 6.75
N ARG B 12 -30.06 6.34 5.99
CA ARG B 12 -30.01 6.22 4.52
C ARG B 12 -30.27 7.58 3.88
N VAL B 13 -31.04 8.40 4.59
CA VAL B 13 -31.39 9.75 4.19
C VAL B 13 -30.14 10.60 4.45
N ARG B 14 -29.79 11.48 3.51
CA ARG B 14 -28.62 12.33 3.67
C ARG B 14 -28.79 13.64 2.91
N SER B 15 -28.35 14.73 3.53
CA SER B 15 -28.44 16.06 2.94
C SER B 15 -27.11 16.81 3.13
N ILE B 16 -26.53 17.35 2.05
CA ILE B 16 -25.26 18.07 2.16
C ILE B 16 -25.34 19.43 1.46
N THR B 17 -24.97 20.49 2.16
CA THR B 17 -25.05 21.84 1.62
C THR B 17 -23.73 22.57 1.65
N LEU B 18 -23.25 22.94 0.47
CA LEU B 18 -22.01 23.70 0.35
C LEU B 18 -22.33 24.84 -0.61
N GLY B 19 -22.12 26.07 -0.14
CA GLY B 19 -22.39 27.23 -0.97
C GLY B 19 -23.86 27.32 -1.35
N ASN B 20 -24.13 27.48 -2.64
CA ASN B 20 -25.50 27.57 -3.12
C ASN B 20 -26.05 26.25 -3.67
N SER B 21 -25.47 25.13 -3.25
CA SER B 21 -25.90 23.83 -3.74
C SER B 21 -26.15 22.83 -2.63
N THR B 22 -27.16 22.00 -2.82
CA THR B 22 -27.48 20.96 -1.85
C THR B 22 -27.70 19.64 -2.56
N ILE B 23 -27.18 18.58 -1.96
CA ILE B 23 -27.28 17.23 -2.49
C ILE B 23 -28.11 16.41 -1.49
N THR B 24 -29.02 15.58 -2.01
CA THR B 24 -29.86 14.73 -1.14
C THR B 24 -29.84 13.31 -1.68
N THR B 25 -29.92 12.33 -0.79
CA THR B 25 -29.97 10.92 -1.19
C THR B 25 -30.92 10.16 -0.27
N GLN B 26 -31.82 9.36 -0.85
CA GLN B 26 -32.79 8.58 -0.09
C GLN B 26 -32.28 7.14 0.28
N GLU B 27 -31.25 6.65 -0.43
CA GLU B 27 -30.67 5.31 -0.19
C GLU B 27 -29.14 5.31 -0.23
N CYS B 28 -28.52 5.68 0.88
CA CYS B 28 -27.06 5.70 0.90
C CYS B 28 -26.49 4.77 1.96
N ALA B 29 -25.17 4.62 1.93
CA ALA B 29 -24.42 3.83 2.91
C ALA B 29 -24.02 4.93 3.90
N ASN B 30 -22.74 5.02 4.28
CA ASN B 30 -22.37 6.06 5.21
C ASN B 30 -21.68 7.16 4.38
N VAL B 31 -20.76 7.89 4.97
CA VAL B 31 -19.97 8.89 4.27
C VAL B 31 -18.54 8.51 4.69
N VAL B 32 -17.67 8.20 3.74
CA VAL B 32 -16.31 7.86 4.07
C VAL B 32 -15.55 9.18 4.11
N VAL B 33 -14.71 9.32 5.13
CA VAL B 33 -13.90 10.51 5.31
C VAL B 33 -12.43 10.13 5.27
N GLY B 34 -11.74 10.66 4.26
CA GLY B 34 -10.30 10.51 4.06
C GLY B 34 -9.67 9.44 4.88
N TYR B 35 -8.63 9.74 5.61
CA TYR B 35 -8.04 8.70 6.44
C TYR B 35 -8.48 9.18 7.83
N GLY B 36 -9.79 9.38 7.94
CA GLY B 36 -10.35 9.90 9.16
C GLY B 36 -10.01 11.38 9.27
N ARG B 37 -9.60 12.02 8.18
CA ARG B 37 -9.22 13.44 8.26
C ARG B 37 -10.09 14.37 7.48
N TRP B 38 -10.75 15.27 8.20
CA TRP B 38 -11.63 16.23 7.60
C TRP B 38 -10.80 17.38 6.98
N PRO B 39 -11.19 17.88 5.79
CA PRO B 39 -10.46 18.96 5.13
C PRO B 39 -10.29 20.16 6.07
N THR B 40 -9.18 20.87 5.92
CA THR B 40 -8.89 22.00 6.79
C THR B 40 -7.91 22.99 6.15
N TYR B 41 -8.05 24.27 6.46
CA TYR B 41 -7.13 25.29 5.93
C TYR B 41 -5.72 25.12 6.48
N LEU B 42 -4.72 25.56 5.72
CA LEU B 42 -3.32 25.45 6.09
C LEU B 42 -3.00 26.32 7.33
N ARG B 43 -2.36 25.72 8.34
CA ARG B 43 -2.00 26.43 9.58
C ARG B 43 -0.71 27.20 9.39
N ASP B 44 -0.53 28.21 10.23
CA ASP B 44 0.66 29.06 10.20
C ASP B 44 1.95 28.29 10.43
N ASP B 45 1.89 27.26 11.26
CA ASP B 45 3.06 26.44 11.56
C ASP B 45 3.31 25.34 10.53
N GLU B 46 2.57 25.34 9.43
CA GLU B 46 2.81 24.35 8.38
C GLU B 46 3.03 25.05 7.02
N ALA B 47 3.01 26.38 7.02
CA ALA B 47 3.16 27.16 5.81
C ALA B 47 4.60 27.58 5.42
N THR B 48 4.86 27.80 4.13
CA THR B 48 6.15 28.28 3.64
C THR B 48 5.86 29.57 2.85
N ALA B 49 4.91 29.49 1.92
CA ALA B 49 4.55 30.63 1.09
C ALA B 49 4.01 31.74 1.99
N GLU B 50 4.70 32.89 1.97
CA GLU B 50 4.40 34.05 2.81
C GLU B 50 3.29 35.01 2.44
N ASP B 51 2.81 34.98 1.21
CA ASP B 51 1.75 35.94 0.87
C ASP B 51 0.39 35.57 1.47
N GLN B 52 -0.43 36.58 1.72
CA GLN B 52 -1.77 36.40 2.25
C GLN B 52 -2.58 35.62 1.17
N PRO B 53 -3.15 34.45 1.51
CA PRO B 53 -3.92 33.70 0.51
C PRO B 53 -5.36 34.19 0.29
N THR B 54 -6.00 33.74 -0.79
CA THR B 54 -7.42 34.06 -1.04
C THR B 54 -8.15 32.80 -0.65
N GLN B 55 -9.32 32.97 -0.06
CA GLN B 55 -10.14 31.85 0.33
C GLN B 55 -11.50 32.33 -0.13
N PRO B 56 -11.81 32.10 -1.43
CA PRO B 56 -13.05 32.50 -2.11
C PRO B 56 -14.31 32.00 -1.45
N ASP B 57 -14.18 30.99 -0.61
CA ASP B 57 -15.31 30.47 0.11
C ASP B 57 -16.45 29.92 -0.79
N VAL B 58 -17.67 30.44 -0.62
CA VAL B 58 -18.83 29.96 -1.36
C VAL B 58 -18.71 29.94 -2.86
N ALA B 59 -17.91 30.85 -3.42
CA ALA B 59 -17.74 30.92 -4.87
C ALA B 59 -17.03 29.71 -5.44
N THR B 60 -16.15 29.10 -4.65
CA THR B 60 -15.39 27.93 -5.10
C THR B 60 -15.77 26.65 -4.37
N CYS B 61 -16.07 26.76 -3.09
CA CYS B 61 -16.43 25.59 -2.32
C CYS B 61 -17.94 25.32 -2.45
N ARG B 62 -18.30 24.68 -3.56
CA ARG B 62 -19.68 24.34 -3.91
C ARG B 62 -19.68 23.11 -4.83
N PHE B 63 -20.86 22.53 -5.07
CA PHE B 63 -20.95 21.34 -5.91
C PHE B 63 -20.97 21.57 -7.42
N TYR B 64 -20.05 20.87 -8.11
CA TYR B 64 -19.94 20.94 -9.57
C TYR B 64 -20.24 19.53 -10.13
N THR B 65 -21.17 19.47 -11.08
CA THR B 65 -21.55 18.21 -11.69
C THR B 65 -20.88 18.07 -13.07
N LEU B 66 -20.08 17.02 -13.20
CA LEU B 66 -19.36 16.73 -14.43
C LEU B 66 -20.33 16.09 -15.43
N ASP B 67 -19.89 15.92 -16.67
CA ASP B 67 -20.72 15.27 -17.70
C ASP B 67 -21.00 13.85 -17.24
N SER B 68 -22.20 13.34 -17.52
CA SER B 68 -22.57 11.97 -17.12
C SER B 68 -22.02 10.93 -18.08
N ILE B 69 -22.05 9.66 -17.69
CA ILE B 69 -21.59 8.54 -18.53
C ILE B 69 -22.61 7.39 -18.44
N LYS B 70 -22.51 6.44 -19.36
CA LYS B 70 -23.41 5.29 -19.38
C LYS B 70 -22.75 4.01 -18.89
N TRP B 71 -23.39 3.34 -17.94
CA TRP B 71 -22.91 2.06 -17.44
C TRP B 71 -23.71 1.05 -18.27
N GLU B 72 -23.01 0.26 -19.09
CA GLU B 72 -23.68 -0.74 -19.91
C GLU B 72 -23.18 -2.10 -19.48
N LYS B 73 -23.90 -3.15 -19.87
CA LYS B 73 -23.52 -4.52 -19.51
C LYS B 73 -22.04 -4.83 -19.72
N GLY B 74 -21.46 -4.30 -20.78
CA GLY B 74 -20.07 -4.56 -21.06
C GLY B 74 -19.06 -3.51 -20.63
N SER B 75 -19.46 -2.55 -19.79
CA SER B 75 -18.54 -1.52 -19.33
C SER B 75 -17.44 -2.14 -18.48
N VAL B 76 -16.25 -1.54 -18.46
CA VAL B 76 -15.14 -2.08 -17.68
C VAL B 76 -14.60 -1.19 -16.56
N GLY B 77 -14.79 0.12 -16.65
CA GLY B 77 -14.30 1.02 -15.60
C GLY B 77 -13.86 2.37 -16.15
N TRP B 78 -13.82 3.39 -15.28
CA TRP B 78 -13.43 4.75 -15.68
C TRP B 78 -12.59 5.41 -14.60
N TRP B 79 -11.92 6.50 -14.98
CA TRP B 79 -11.10 7.28 -14.05
C TRP B 79 -11.13 8.76 -14.42
N TRP B 80 -10.96 9.64 -13.42
CA TRP B 80 -10.90 11.09 -13.61
C TRP B 80 -9.76 11.58 -12.71
N LYS B 81 -8.88 12.43 -13.20
CA LYS B 81 -7.78 12.94 -12.38
C LYS B 81 -8.10 14.32 -11.82
N PHE B 82 -7.77 14.53 -10.55
CA PHE B 82 -8.03 15.81 -9.89
C PHE B 82 -6.73 16.52 -9.55
N PRO B 83 -6.73 17.86 -9.56
CA PRO B 83 -7.81 18.81 -9.85
C PRO B 83 -8.15 19.04 -11.33
N GLU B 84 -7.38 18.45 -12.25
CA GLU B 84 -7.63 18.64 -13.67
C GLU B 84 -9.10 18.57 -14.07
N ALA B 85 -9.80 17.55 -13.58
CA ALA B 85 -11.22 17.37 -13.89
C ALA B 85 -12.07 18.60 -13.63
N LEU B 86 -11.64 19.45 -12.71
CA LEU B 86 -12.39 20.66 -12.36
C LEU B 86 -11.81 21.95 -12.93
N SER B 87 -10.78 21.86 -13.79
CA SER B 87 -10.14 23.06 -14.32
C SER B 87 -11.04 24.06 -15.07
N ASP B 88 -12.23 23.66 -15.50
CA ASP B 88 -13.13 24.59 -16.20
C ASP B 88 -14.34 24.96 -15.40
N MET B 89 -14.42 24.48 -14.17
CA MET B 89 -15.57 24.75 -13.34
C MET B 89 -15.57 26.11 -12.65
N GLY B 90 -16.39 27.03 -13.18
CA GLY B 90 -16.53 28.34 -12.61
C GLY B 90 -15.32 29.02 -12.02
N LEU B 91 -15.51 29.62 -10.85
CA LEU B 91 -14.44 30.33 -10.18
C LEU B 91 -13.37 29.41 -9.60
N PHE B 92 -13.70 28.12 -9.46
CA PHE B 92 -12.68 27.21 -8.97
C PHE B 92 -11.59 27.14 -10.07
N GLY B 93 -12.02 26.94 -11.31
CA GLY B 93 -11.09 26.89 -12.42
C GLY B 93 -10.36 28.22 -12.61
N GLN B 94 -11.08 29.32 -12.47
CA GLN B 94 -10.47 30.65 -12.62
C GLN B 94 -9.35 30.87 -11.62
N ASN B 95 -9.61 30.51 -10.36
CA ASN B 95 -8.62 30.66 -9.31
C ASN B 95 -7.40 29.78 -9.54
N MET B 96 -7.61 28.60 -10.14
CA MET B 96 -6.53 27.67 -10.46
C MET B 96 -5.62 28.33 -11.49
N GLN B 97 -6.22 29.04 -12.44
CA GLN B 97 -5.45 29.68 -13.49
C GLN B 97 -4.61 30.86 -13.09
N TYR B 98 -5.14 31.69 -12.20
CA TYR B 98 -4.44 32.89 -11.77
C TYR B 98 -3.41 32.71 -10.67
N HIS B 99 -3.38 31.52 -10.06
CA HIS B 99 -2.47 31.25 -8.97
C HIS B 99 -1.45 30.16 -9.20
N TYR B 100 -0.24 30.40 -8.71
CA TYR B 100 0.86 29.47 -8.82
C TYR B 100 0.60 28.27 -7.88
N LEU B 101 0.08 28.54 -6.69
CA LEU B 101 -0.19 27.50 -5.70
C LEU B 101 -1.66 27.44 -5.29
N GLY B 102 -2.11 26.23 -4.98
CA GLY B 102 -3.47 26.00 -4.55
C GLY B 102 -3.50 24.83 -3.58
N ARG B 103 -4.61 24.68 -2.87
CA ARG B 103 -4.76 23.61 -1.87
C ARG B 103 -6.26 23.41 -1.62
N ALA B 104 -6.72 22.16 -1.57
CA ALA B 104 -8.14 21.88 -1.35
C ALA B 104 -8.44 20.41 -1.04
N GLY B 105 -9.56 20.20 -0.37
CA GLY B 105 -10.03 18.86 -0.06
C GLY B 105 -11.31 18.78 -0.90
N TYR B 106 -12.01 17.65 -0.93
CA TYR B 106 -13.21 17.54 -1.75
C TYR B 106 -14.27 16.60 -1.21
N THR B 107 -15.52 16.90 -1.53
CA THR B 107 -16.61 16.00 -1.18
C THR B 107 -17.00 15.41 -2.55
N ILE B 108 -16.78 14.12 -2.72
CA ILE B 108 -17.10 13.44 -3.97
C ILE B 108 -18.40 12.64 -3.79
N HIS B 109 -19.38 12.91 -4.67
CA HIS B 109 -20.68 12.24 -4.60
C HIS B 109 -20.98 11.56 -5.94
N VAL B 110 -20.82 10.24 -5.97
CA VAL B 110 -21.06 9.45 -7.17
C VAL B 110 -22.50 8.93 -7.14
N GLN B 111 -23.27 9.26 -8.16
CA GLN B 111 -24.68 8.89 -8.25
C GLN B 111 -24.98 7.81 -9.27
N CYS B 112 -25.79 6.84 -8.87
CA CYS B 112 -26.15 5.73 -9.76
C CYS B 112 -27.39 5.00 -9.25
N ASN B 113 -28.54 5.25 -9.86
CA ASN B 113 -29.80 4.59 -9.46
C ASN B 113 -30.23 3.60 -10.53
N ALA B 114 -30.80 2.48 -10.10
CA ALA B 114 -31.26 1.45 -11.02
C ALA B 114 -32.68 1.04 -10.63
N SER B 115 -32.86 -0.17 -10.11
CA SER B 115 -34.19 -0.62 -9.69
C SER B 115 -33.95 -1.86 -8.86
N LYS B 116 -35.00 -2.33 -8.18
CA LYS B 116 -34.89 -3.53 -7.38
C LYS B 116 -34.68 -4.80 -8.21
N PHE B 117 -34.80 -4.68 -9.54
CA PHE B 117 -34.62 -5.83 -10.42
C PHE B 117 -33.31 -5.85 -11.20
N HIS B 118 -32.50 -4.82 -10.99
CA HIS B 118 -31.19 -4.71 -11.64
C HIS B 118 -30.16 -5.22 -10.62
N GLN B 119 -28.99 -5.62 -11.11
CA GLN B 119 -27.93 -6.06 -10.23
C GLN B 119 -26.62 -5.49 -10.77
N GLY B 120 -25.64 -5.28 -9.90
CA GLY B 120 -24.36 -4.74 -10.32
C GLY B 120 -23.66 -4.14 -9.11
N CYS B 121 -22.35 -3.97 -9.18
CA CYS B 121 -21.61 -3.45 -8.05
C CYS B 121 -20.34 -2.71 -8.48
N LEU B 122 -20.23 -1.45 -8.08
CA LEU B 122 -19.09 -0.60 -8.42
C LEU B 122 -18.18 -0.29 -7.22
N LEU B 123 -16.89 -0.18 -7.48
CA LEU B 123 -15.97 0.22 -6.43
C LEU B 123 -15.75 1.71 -6.75
N VAL B 124 -15.86 2.57 -5.74
CA VAL B 124 -15.62 4.00 -5.95
C VAL B 124 -14.42 4.29 -5.04
N VAL B 125 -13.25 4.54 -5.64
CA VAL B 125 -12.01 4.78 -4.90
C VAL B 125 -11.33 6.07 -5.28
N CYS B 126 -10.52 6.59 -4.35
CA CYS B 126 -9.72 7.80 -4.61
C CYS B 126 -8.30 7.39 -4.34
N VAL B 127 -7.51 7.32 -5.42
CA VAL B 127 -6.13 6.92 -5.31
C VAL B 127 -5.18 8.12 -5.34
N PRO B 128 -4.51 8.39 -4.21
CA PRO B 128 -3.55 9.51 -4.12
C PRO B 128 -2.32 9.15 -4.97
N GLU B 129 -1.77 10.11 -5.70
CA GLU B 129 -0.59 9.84 -6.55
C GLU B 129 -0.76 8.61 -7.45
N ALA B 130 -1.81 8.59 -8.27
CA ALA B 130 -2.05 7.43 -9.13
C ALA B 130 -1.16 7.49 -10.39
N GLU B 131 0.14 7.40 -10.19
CA GLU B 131 1.12 7.42 -11.26
C GLU B 131 0.90 6.18 -12.14
N MET B 132 0.73 6.37 -13.45
CA MET B 132 0.46 5.26 -14.37
C MET B 132 1.54 4.90 -15.37
N GLY B 133 1.53 3.64 -15.82
CA GLY B 133 2.49 3.13 -16.80
C GLY B 133 2.01 3.28 -18.24
N GLY B 134 2.94 3.36 -19.18
CA GLY B 134 2.58 3.52 -20.59
C GLY B 134 2.10 2.23 -21.23
N ALA B 135 1.36 2.34 -22.34
CA ALA B 135 0.85 1.15 -23.01
C ALA B 135 2.03 0.29 -23.47
N VAL B 136 3.09 0.93 -23.96
CA VAL B 136 4.28 0.17 -24.36
C VAL B 136 5.41 0.65 -23.44
N VAL B 137 6.00 -0.27 -22.67
CA VAL B 137 7.03 0.10 -21.70
C VAL B 137 8.20 0.84 -22.34
N GLY B 138 8.57 1.95 -21.71
CA GLY B 138 9.66 2.75 -22.23
C GLY B 138 9.18 3.92 -23.08
N GLN B 139 8.00 3.80 -23.68
CA GLN B 139 7.43 4.86 -24.53
C GLN B 139 6.67 5.89 -23.75
N ALA B 140 7.11 7.16 -23.84
CA ALA B 140 6.42 8.23 -23.14
C ALA B 140 5.09 8.60 -23.81
N PHE B 141 4.12 9.03 -23.00
CA PHE B 141 2.81 9.46 -23.48
C PHE B 141 2.63 10.91 -23.02
N SER B 142 1.60 11.58 -23.51
CA SER B 142 1.36 12.97 -23.11
C SER B 142 0.21 13.08 -22.11
N ALA B 143 0.04 14.25 -21.50
CA ALA B 143 -0.99 14.49 -20.49
C ALA B 143 -2.37 14.09 -20.96
N THR B 144 -2.57 14.25 -22.25
CA THR B 144 -3.82 13.94 -22.90
C THR B 144 -4.23 12.46 -22.81
N ALA B 145 -3.26 11.59 -22.52
CA ALA B 145 -3.52 10.16 -22.37
C ALA B 145 -4.14 9.83 -21.02
N MET B 146 -4.15 10.81 -20.11
CA MET B 146 -4.73 10.54 -18.80
C MET B 146 -5.76 11.53 -18.24
N ALA B 147 -5.77 12.76 -18.74
CA ALA B 147 -6.72 13.77 -18.26
C ALA B 147 -6.94 14.89 -19.25
N ASN B 148 -8.14 15.44 -19.25
CA ASN B 148 -8.50 16.52 -20.15
C ASN B 148 -9.86 17.09 -19.73
N GLY B 149 -9.85 18.04 -18.81
CA GLY B 149 -11.10 18.61 -18.36
C GLY B 149 -11.88 17.54 -17.62
N ASP B 150 -13.21 17.57 -17.73
CA ASP B 150 -14.03 16.57 -17.05
C ASP B 150 -14.33 15.34 -17.88
N LYS B 151 -13.49 15.06 -18.88
CA LYS B 151 -13.67 13.88 -19.74
C LYS B 151 -13.35 12.61 -18.98
N ALA B 152 -14.28 11.65 -18.98
CA ALA B 152 -14.05 10.36 -18.31
C ALA B 152 -13.13 9.48 -19.17
N TYR B 153 -12.09 8.89 -18.57
CA TYR B 153 -11.20 8.02 -19.31
C TYR B 153 -11.60 6.59 -18.99
N GLU B 154 -11.47 5.66 -19.95
CA GLU B 154 -11.86 4.29 -19.66
C GLU B 154 -10.81 3.21 -19.71
N PHE B 155 -10.96 2.25 -18.81
CA PHE B 155 -10.05 1.12 -18.75
C PHE B 155 -10.54 0.13 -19.80
N THR B 156 -9.75 -0.90 -20.07
CA THR B 156 -10.11 -1.91 -21.08
C THR B 156 -9.87 -3.31 -20.52
N SER B 157 -10.47 -4.33 -21.13
CA SER B 157 -10.23 -5.69 -20.67
C SER B 157 -8.92 -6.14 -21.23
N ALA B 158 -8.76 -5.92 -22.53
CA ALA B 158 -7.57 -6.30 -23.26
C ALA B 158 -6.43 -5.41 -22.87
N THR B 159 -5.21 -5.88 -23.08
CA THR B 159 -4.06 -5.05 -22.77
C THR B 159 -3.90 -4.03 -23.92
N GLN B 160 -3.58 -2.78 -23.56
CA GLN B 160 -3.43 -1.68 -24.51
C GLN B 160 -2.19 -1.81 -25.42
N SER B 161 -2.38 -1.55 -26.71
CA SER B 161 -1.31 -1.64 -27.74
C SER B 161 -0.88 -0.26 -28.23
N ASP B 162 -1.82 0.67 -28.20
CA ASP B 162 -1.59 2.02 -28.64
C ASP B 162 -0.60 2.73 -27.72
N GLN B 163 0.59 3.00 -28.23
CA GLN B 163 1.64 3.65 -27.45
C GLN B 163 1.35 5.07 -27.04
N THR B 164 0.34 5.69 -27.61
CA THR B 164 0.01 7.06 -27.22
C THR B 164 -0.86 7.02 -25.97
N LYS B 165 -1.24 5.81 -25.56
CA LYS B 165 -2.07 5.61 -24.38
C LYS B 165 -1.37 5.01 -23.19
N VAL B 166 -2.11 5.00 -22.10
CA VAL B 166 -1.65 4.49 -20.84
C VAL B 166 -2.01 2.98 -20.85
N GLN B 167 -1.35 2.16 -20.05
CA GLN B 167 -1.71 0.74 -20.02
C GLN B 167 -3.05 0.59 -19.30
N THR B 168 -4.12 0.59 -20.09
CA THR B 168 -5.50 0.52 -19.58
C THR B 168 -6.10 -0.81 -19.11
N ALA B 169 -5.35 -1.91 -19.17
CA ALA B 169 -5.86 -3.22 -18.75
C ALA B 169 -6.40 -3.10 -17.31
N ILE B 170 -7.71 -3.24 -17.16
CA ILE B 170 -8.36 -3.09 -15.86
C ILE B 170 -7.79 -3.83 -14.66
N HIS B 171 -7.47 -5.11 -14.79
CA HIS B 171 -6.98 -5.87 -13.64
C HIS B 171 -5.69 -5.35 -12.97
N ASN B 172 -4.98 -4.42 -13.60
CA ASN B 172 -3.77 -3.86 -12.98
C ASN B 172 -3.93 -2.38 -12.69
N ALA B 173 -5.16 -1.88 -12.90
CA ALA B 173 -5.55 -0.49 -12.65
C ALA B 173 -4.61 0.60 -13.17
N GLY B 174 -3.82 0.27 -14.20
CA GLY B 174 -2.89 1.24 -14.77
C GLY B 174 -1.69 1.54 -13.88
N MET B 175 -1.56 0.81 -12.77
CA MET B 175 -0.48 1.04 -11.82
C MET B 175 0.42 -0.14 -11.53
N GLY B 176 0.12 -1.30 -12.12
CA GLY B 176 0.97 -2.47 -11.90
C GLY B 176 0.72 -3.20 -10.59
N VAL B 177 -0.48 -3.03 -10.05
CA VAL B 177 -0.86 -3.66 -8.79
C VAL B 177 -2.11 -4.48 -9.01
N GLY B 178 -2.56 -5.19 -7.98
CA GLY B 178 -3.75 -6.01 -8.10
C GLY B 178 -4.99 -5.17 -7.90
N VAL B 179 -5.86 -5.13 -8.89
CA VAL B 179 -7.08 -4.32 -8.76
C VAL B 179 -7.94 -4.63 -7.51
N GLY B 180 -7.89 -5.86 -7.00
CA GLY B 180 -8.69 -6.19 -5.83
C GLY B 180 -8.12 -5.66 -4.52
N ASN B 181 -6.97 -5.01 -4.59
CA ASN B 181 -6.31 -4.45 -3.40
C ASN B 181 -6.45 -2.94 -3.33
N LEU B 182 -7.22 -2.36 -4.24
CA LEU B 182 -7.43 -0.91 -4.25
C LEU B 182 -8.22 -0.44 -3.03
N THR B 183 -8.70 -1.40 -2.24
CA THR B 183 -9.49 -1.09 -1.06
C THR B 183 -8.69 -0.44 0.08
N ILE B 184 -7.35 -0.36 -0.01
CA ILE B 184 -6.63 0.32 1.07
C ILE B 184 -6.70 1.81 0.93
N TYR B 185 -7.29 2.26 -0.16
CA TYR B 185 -7.46 3.69 -0.40
C TYR B 185 -8.90 4.01 -0.01
N PRO B 186 -9.19 5.27 0.35
CA PRO B 186 -10.55 5.67 0.73
C PRO B 186 -11.53 5.21 -0.37
N HIS B 187 -12.54 4.45 0.03
CA HIS B 187 -13.49 3.94 -0.95
C HIS B 187 -14.86 3.62 -0.37
N GLN B 188 -15.79 3.35 -1.28
CA GLN B 188 -17.14 2.98 -0.91
C GLN B 188 -17.62 2.12 -2.10
N TRP B 189 -18.60 1.26 -1.86
CA TRP B 189 -19.13 0.41 -2.92
C TRP B 189 -20.56 0.82 -3.24
N ILE B 190 -20.94 0.79 -4.51
CA ILE B 190 -22.33 1.07 -4.85
C ILE B 190 -22.85 -0.30 -5.33
N ASN B 191 -23.54 -1.01 -4.45
CA ASN B 191 -24.11 -2.31 -4.80
C ASN B 191 -25.58 -1.98 -5.11
N LEU B 192 -25.97 -2.08 -6.39
CA LEU B 192 -27.32 -1.70 -6.80
C LEU B 192 -28.48 -2.16 -5.95
N ARG B 193 -28.24 -3.27 -5.29
CA ARG B 193 -29.18 -3.93 -4.41
C ARG B 193 -29.45 -3.16 -3.10
N THR B 194 -28.48 -2.34 -2.67
CA THR B 194 -28.58 -1.57 -1.42
C THR B 194 -28.35 -0.04 -1.52
N ASN B 195 -27.36 0.39 -2.33
CA ASN B 195 -27.02 1.80 -2.56
C ASN B 195 -27.63 2.40 -3.80
N ASN B 196 -27.33 3.68 -3.95
CA ASN B 196 -27.81 4.49 -5.05
C ASN B 196 -26.81 5.64 -5.24
N SER B 197 -25.82 5.70 -4.35
CA SER B 197 -24.77 6.71 -4.41
C SER B 197 -23.63 6.39 -3.43
N ALA B 198 -22.52 7.11 -3.55
CA ALA B 198 -21.36 6.94 -2.67
C ALA B 198 -20.80 8.34 -2.41
N THR B 199 -20.41 8.60 -1.16
CA THR B 199 -19.87 9.91 -0.80
C THR B 199 -18.54 9.77 -0.05
N ILE B 200 -17.49 10.34 -0.62
CA ILE B 200 -16.18 10.25 -0.01
C ILE B 200 -15.66 11.67 0.15
N VAL B 201 -15.21 12.01 1.34
CA VAL B 201 -14.65 13.34 1.63
C VAL B 201 -13.12 13.15 1.65
N MET B 202 -12.40 13.70 0.67
CA MET B 202 -10.94 13.59 0.62
C MET B 202 -10.22 14.81 1.18
N PRO B 203 -9.33 14.63 2.17
CA PRO B 203 -8.64 15.81 2.68
C PRO B 203 -7.43 16.08 1.74
N TYR B 204 -6.71 17.18 1.94
CA TYR B 204 -5.56 17.44 1.09
C TYR B 204 -4.41 16.51 1.55
N ILE B 205 -3.89 15.71 0.61
CA ILE B 205 -2.81 14.77 0.89
C ILE B 205 -1.67 15.02 -0.10
N ASN B 206 -0.50 15.38 0.42
CA ASN B 206 0.68 15.66 -0.42
C ASN B 206 1.90 15.70 0.49
N SER B 207 3.10 15.69 -0.10
CA SER B 207 4.34 15.74 0.67
C SER B 207 4.82 17.17 0.89
N VAL B 208 4.08 18.15 0.35
CA VAL B 208 4.40 19.57 0.50
C VAL B 208 3.09 20.24 0.90
N PRO B 209 3.16 21.37 1.64
CA PRO B 209 1.96 22.09 2.08
C PRO B 209 0.95 22.57 1.04
N MET B 210 1.44 22.98 -0.13
CA MET B 210 0.58 23.46 -1.21
C MET B 210 1.27 23.01 -2.48
N ASP B 211 0.58 23.10 -3.60
CA ASP B 211 1.22 22.67 -4.83
C ASP B 211 0.53 23.33 -6.00
N ASN B 212 1.15 23.25 -7.17
CA ASN B 212 0.58 23.83 -8.38
C ASN B 212 -0.52 22.88 -8.81
N MET B 213 -1.66 23.44 -9.16
CA MET B 213 -2.80 22.62 -9.51
C MET B 213 -2.91 22.06 -10.90
N PHE B 214 -2.06 22.51 -11.82
CA PHE B 214 -2.11 22.01 -13.19
C PHE B 214 -1.13 20.90 -13.41
N ARG B 215 0.06 21.12 -12.89
CA ARG B 215 1.21 20.26 -12.98
C ARG B 215 1.15 18.95 -12.16
N HIS B 216 0.34 18.92 -11.11
CA HIS B 216 0.27 17.74 -10.25
C HIS B 216 -1.16 17.24 -10.04
N TYR B 217 -1.41 15.98 -10.38
CA TYR B 217 -2.74 15.41 -10.16
C TYR B 217 -2.67 14.74 -8.78
N ASN B 218 -3.18 15.42 -7.75
CA ASN B 218 -3.12 14.89 -6.38
C ASN B 218 -3.74 13.52 -6.17
N PHE B 219 -4.87 13.27 -6.82
CA PHE B 219 -5.53 11.97 -6.70
C PHE B 219 -6.42 11.68 -7.90
N THR B 220 -6.69 10.40 -8.10
CA THR B 220 -7.51 9.96 -9.20
C THR B 220 -8.73 9.20 -8.68
N LEU B 221 -9.91 9.56 -9.19
CA LEU B 221 -11.14 8.88 -8.83
C LEU B 221 -11.34 7.75 -9.83
N MET B 222 -11.52 6.53 -9.34
CA MET B 222 -11.77 5.39 -10.23
C MET B 222 -13.11 4.75 -9.87
N VAL B 223 -13.91 4.47 -10.88
CA VAL B 223 -15.22 3.82 -10.67
C VAL B 223 -15.12 2.55 -11.49
N ILE B 224 -15.08 1.41 -10.81
CA ILE B 224 -14.91 0.13 -11.47
C ILE B 224 -15.98 -0.90 -11.18
N PRO B 225 -16.64 -1.40 -12.23
CA PRO B 225 -17.70 -2.42 -12.05
C PRO B 225 -17.05 -3.79 -11.66
N PHE B 226 -17.11 -4.19 -10.40
CA PHE B 226 -16.56 -5.51 -10.01
C PHE B 226 -17.59 -6.59 -10.36
N VAL B 227 -18.86 -6.23 -10.32
CA VAL B 227 -19.94 -7.15 -10.71
C VAL B 227 -20.70 -6.42 -11.82
N LYS B 228 -20.70 -7.01 -13.01
CA LYS B 228 -21.34 -6.45 -14.20
C LYS B 228 -22.80 -6.06 -14.07
N LEU B 229 -23.20 -5.04 -14.81
CA LEU B 229 -24.58 -4.57 -14.82
C LEU B 229 -25.43 -5.62 -15.52
N ASP B 230 -26.50 -6.06 -14.88
CA ASP B 230 -27.35 -7.03 -15.54
C ASP B 230 -28.81 -6.78 -15.18
N TYR B 231 -29.69 -7.15 -16.10
CA TYR B 231 -31.13 -6.96 -15.94
C TYR B 231 -31.87 -7.83 -16.94
N ALA B 232 -33.18 -7.96 -16.74
CA ALA B 232 -34.04 -8.78 -17.59
C ALA B 232 -34.79 -7.95 -18.63
N ASP B 233 -36.04 -8.29 -18.89
CA ASP B 233 -36.85 -7.62 -19.91
C ASP B 233 -37.39 -6.22 -19.58
N THR B 234 -36.50 -5.35 -19.12
CA THR B 234 -36.87 -3.98 -18.81
C THR B 234 -36.60 -3.12 -20.04
N ALA B 235 -37.43 -2.11 -20.21
CA ALA B 235 -37.26 -1.19 -21.34
C ALA B 235 -36.02 -0.28 -21.16
N SER B 236 -35.55 -0.09 -19.93
CA SER B 236 -34.37 0.74 -19.65
C SER B 236 -33.19 -0.05 -20.14
N THR B 237 -32.22 0.61 -20.77
CA THR B 237 -31.05 -0.12 -21.24
C THR B 237 -29.82 0.24 -20.40
N TYR B 238 -29.25 1.43 -20.63
CA TYR B 238 -28.09 1.87 -19.87
C TYR B 238 -28.51 2.50 -18.55
N VAL B 239 -27.58 2.53 -17.60
CA VAL B 239 -27.82 3.13 -16.30
C VAL B 239 -26.78 4.25 -16.21
N PRO B 240 -27.23 5.52 -16.14
CA PRO B 240 -26.26 6.61 -16.05
C PRO B 240 -25.49 6.66 -14.74
N ILE B 241 -24.26 7.16 -14.79
CA ILE B 241 -23.44 7.35 -13.60
C ILE B 241 -23.04 8.83 -13.66
N THR B 242 -23.32 9.58 -12.59
CA THR B 242 -22.98 11.00 -12.54
C THR B 242 -22.09 11.32 -11.34
N VAL B 243 -21.07 12.15 -11.56
CA VAL B 243 -20.14 12.54 -10.51
C VAL B 243 -20.30 14.02 -10.20
N THR B 244 -20.57 14.33 -8.94
CA THR B 244 -20.72 15.70 -8.50
C THR B 244 -19.67 15.89 -7.40
N VAL B 245 -18.84 16.91 -7.51
CA VAL B 245 -17.80 17.14 -6.51
C VAL B 245 -17.69 18.60 -6.06
N ALA B 246 -17.41 18.78 -4.78
CA ALA B 246 -17.27 20.12 -4.19
C ALA B 246 -15.95 20.31 -3.51
N PRO B 247 -15.19 21.34 -3.93
CA PRO B 247 -13.89 21.64 -3.33
C PRO B 247 -14.19 22.08 -1.88
N MET B 248 -13.25 21.87 -0.97
CA MET B 248 -13.46 22.26 0.41
C MET B 248 -12.20 22.92 0.94
N CYS B 249 -12.38 24.10 1.54
CA CYS B 249 -11.25 24.83 2.13
C CYS B 249 -10.21 25.19 1.10
N ALA B 250 -10.68 25.66 -0.04
CA ALA B 250 -9.77 26.01 -1.12
C ALA B 250 -9.08 27.32 -0.81
N GLU B 251 -7.76 27.33 -0.94
CA GLU B 251 -6.98 28.55 -0.73
C GLU B 251 -5.85 28.57 -1.76
N TYR B 252 -5.51 29.78 -2.21
CA TYR B 252 -4.52 29.94 -3.25
C TYR B 252 -3.50 31.01 -2.89
N ASN B 253 -2.28 30.82 -3.39
CA ASN B 253 -1.18 31.76 -3.17
C ASN B 253 -0.44 32.03 -4.49
N GLY B 254 0.31 33.13 -4.53
CA GLY B 254 1.09 33.49 -5.70
C GLY B 254 0.29 33.91 -6.90
N LEU B 255 -0.43 35.01 -6.76
CA LEU B 255 -1.25 35.54 -7.84
C LEU B 255 -0.37 36.17 -8.91
N ARG B 256 -0.78 36.02 -10.17
CA ARG B 256 -0.05 36.56 -11.33
C ARG B 256 -0.97 36.38 -12.54
N LEU B 257 -0.45 36.54 -13.76
CA LEU B 257 -1.31 36.37 -14.94
C LEU B 257 -1.82 34.93 -15.07
N ALA B 258 -3.00 34.81 -15.66
CA ALA B 258 -3.65 33.52 -15.85
C ALA B 258 -2.90 32.60 -16.80
N GLN B 259 -2.87 31.31 -16.50
CA GLN B 259 -2.21 30.35 -17.36
C GLN B 259 -3.16 30.08 -18.51
N ALA B 260 -2.67 30.36 -19.73
CA ALA B 260 -3.41 30.21 -20.99
C ALA B 260 -4.38 29.03 -21.10
N GLN B 261 -3.94 27.85 -20.63
CA GLN B 261 -4.77 26.64 -20.69
C GLN B 261 -5.20 26.12 -19.30
N GLY C 1 46.50 3.98 27.04
CA GLY C 1 45.11 3.65 26.68
C GLY C 1 44.46 2.67 27.66
N LEU C 2 43.13 2.67 27.68
CA LEU C 2 42.39 1.77 28.53
C LEU C 2 42.54 0.37 27.93
N PRO C 3 42.95 -0.62 28.74
CA PRO C 3 43.10 -1.97 28.17
C PRO C 3 41.78 -2.58 27.68
N THR C 4 41.73 -3.02 26.44
CA THR C 4 40.51 -3.62 25.88
C THR C 4 40.86 -4.91 25.15
N MET C 5 39.84 -5.69 24.83
CA MET C 5 40.03 -6.96 24.15
C MET C 5 38.86 -7.22 23.21
N ASN C 6 39.13 -7.28 21.90
CA ASN C 6 38.08 -7.50 20.91
C ASN C 6 37.53 -8.92 21.00
N THR C 7 36.20 -9.02 20.95
CA THR C 7 35.50 -10.30 21.00
C THR C 7 35.01 -10.71 19.60
N PRO C 8 34.58 -11.98 19.43
CA PRO C 8 34.11 -12.38 18.10
C PRO C 8 32.96 -11.48 17.65
N GLY C 9 32.86 -11.22 16.35
CA GLY C 9 31.81 -10.35 15.84
C GLY C 9 32.40 -8.97 15.51
N SER C 10 33.55 -8.70 16.08
CA SER C 10 34.24 -7.45 15.85
C SER C 10 34.50 -7.26 14.34
N THR C 11 34.21 -6.07 13.83
CA THR C 11 34.36 -5.66 12.41
C THR C 11 33.34 -6.19 11.41
N GLN C 12 32.45 -7.08 11.84
CA GLN C 12 31.48 -7.65 10.92
C GLN C 12 30.35 -6.66 10.59
N PHE C 13 29.68 -6.90 9.47
CA PHE C 13 28.56 -6.09 9.04
C PHE C 13 27.32 -7.00 9.04
N LEU C 14 26.53 -6.90 10.10
CA LEU C 14 25.29 -7.66 10.24
C LEU C 14 24.18 -6.72 9.75
N THR C 15 23.48 -7.13 8.71
CA THR C 15 22.42 -6.35 8.09
C THR C 15 21.35 -5.79 9.01
N SER C 16 21.05 -6.54 10.06
CA SER C 16 20.02 -6.16 11.01
C SER C 16 20.61 -5.59 12.29
N ASP C 17 21.84 -5.09 12.21
CA ASP C 17 22.48 -4.51 13.39
C ASP C 17 21.81 -3.18 13.75
N ASP C 18 22.11 -2.66 14.92
CA ASP C 18 21.47 -1.43 15.36
C ASP C 18 22.44 -0.57 16.16
N PHE C 19 23.43 -0.01 15.47
CA PHE C 19 24.41 0.85 16.13
C PHE C 19 24.31 2.31 15.66
N GLN C 20 25.06 3.16 16.34
CA GLN C 20 25.13 4.58 16.01
C GLN C 20 26.28 4.72 15.01
N SER C 21 26.32 5.81 14.25
CA SER C 21 27.41 6.04 13.30
C SER C 21 27.48 7.56 13.05
N PRO C 22 28.68 8.07 12.71
CA PRO C 22 28.83 9.51 12.46
C PRO C 22 27.96 10.05 11.34
N CYS C 23 27.49 11.28 11.51
CA CYS C 23 26.65 11.91 10.52
C CYS C 23 27.53 12.68 9.54
N ALA C 24 27.40 12.39 8.24
CA ALA C 24 28.21 13.05 7.20
C ALA C 24 27.87 14.51 6.93
N LEU C 25 26.67 14.92 7.34
CA LEU C 25 26.19 16.28 7.15
C LEU C 25 25.94 16.88 8.54
N PRO C 26 27.03 17.18 9.28
CA PRO C 26 26.90 17.74 10.62
C PRO C 26 26.04 19.01 10.65
N GLN C 27 25.10 19.07 11.59
CA GLN C 27 24.26 20.24 11.77
C GLN C 27 23.28 20.57 10.64
N PHE C 28 22.93 19.58 9.81
CA PHE C 28 22.00 19.78 8.71
C PHE C 28 20.65 20.08 9.34
N ASP C 29 20.01 21.15 8.87
CA ASP C 29 18.71 21.55 9.40
C ASP C 29 17.59 20.91 8.59
N VAL C 30 17.03 19.87 9.19
CA VAL C 30 15.96 19.07 8.62
C VAL C 30 14.71 19.90 8.27
N THR C 31 14.02 19.59 7.18
CA THR C 31 12.79 20.30 6.81
C THR C 31 11.76 19.98 7.90
N PRO C 32 11.01 21.00 8.38
CA PRO C 32 10.01 20.76 9.43
C PRO C 32 9.01 19.66 9.06
N SER C 33 8.56 18.95 10.09
CA SER C 33 7.61 17.89 9.90
C SER C 33 6.23 18.49 9.57
N MET C 34 5.39 17.74 8.87
CA MET C 34 4.05 18.19 8.51
C MET C 34 3.10 17.03 8.78
N ASN C 35 1.91 17.34 9.25
CA ASN C 35 0.97 16.30 9.57
C ASN C 35 0.16 15.76 8.39
N ILE C 36 0.76 14.87 7.63
CA ILE C 36 0.10 14.25 6.48
C ILE C 36 -0.91 13.19 6.95
N PRO C 37 -2.12 13.13 6.36
CA PRO C 37 -3.11 12.13 6.76
C PRO C 37 -2.64 10.70 6.43
N GLY C 38 -3.25 9.71 7.06
CA GLY C 38 -2.92 8.33 6.79
C GLY C 38 -1.58 7.75 7.22
N GLU C 39 -1.11 8.08 8.40
CA GLU C 39 0.15 7.52 8.87
C GLU C 39 -0.01 6.05 9.25
N VAL C 40 0.98 5.25 8.88
CA VAL C 40 0.95 3.83 9.21
C VAL C 40 2.04 3.59 10.24
N LYS C 41 1.76 2.75 11.23
CA LYS C 41 2.76 2.48 12.25
C LYS C 41 3.14 1.02 12.32
N ASN C 42 2.21 0.17 11.92
CA ASN C 42 2.45 -1.27 11.93
C ASN C 42 1.82 -1.86 10.67
N LEU C 43 2.53 -2.79 10.02
CA LEU C 43 2.01 -3.43 8.80
C LEU C 43 0.72 -4.19 9.05
N MET C 44 0.47 -4.56 10.31
CA MET C 44 -0.75 -5.26 10.64
C MET C 44 -1.98 -4.38 10.44
N GLU C 45 -1.78 -3.05 10.42
CA GLU C 45 -2.89 -2.12 10.19
C GLU C 45 -3.39 -2.33 8.77
N ILE C 46 -2.46 -2.66 7.87
CA ILE C 46 -2.79 -2.91 6.47
C ILE C 46 -3.48 -4.26 6.32
N ALA C 47 -2.91 -5.29 6.96
CA ALA C 47 -3.47 -6.63 6.90
C ALA C 47 -4.86 -6.70 7.51
N GLU C 48 -5.22 -5.69 8.31
CA GLU C 48 -6.53 -5.64 8.96
C GLU C 48 -7.62 -5.04 8.07
N VAL C 49 -7.22 -4.61 6.88
CA VAL C 49 -8.09 -4.00 5.89
C VAL C 49 -8.55 -5.04 4.84
N ASP C 50 -9.84 -5.02 4.51
CA ASP C 50 -10.36 -5.96 3.53
C ASP C 50 -9.85 -5.73 2.12
N SER C 51 -9.63 -6.82 1.39
CA SER C 51 -9.24 -6.74 -0.02
C SER C 51 -10.07 -7.85 -0.68
N VAL C 52 -10.37 -7.69 -1.96
CA VAL C 52 -11.18 -8.67 -2.68
C VAL C 52 -10.40 -9.94 -3.01
N VAL C 53 -10.93 -11.08 -2.59
CA VAL C 53 -10.30 -12.38 -2.80
C VAL C 53 -10.70 -13.01 -4.13
N PRO C 54 -9.71 -13.39 -4.97
CA PRO C 54 -10.02 -14.01 -6.27
C PRO C 54 -10.37 -15.48 -6.06
N VAL C 55 -11.56 -15.74 -5.50
CA VAL C 55 -12.03 -17.08 -5.20
C VAL C 55 -12.26 -17.96 -6.43
N ASN C 56 -12.75 -17.34 -7.50
CA ASN C 56 -13.05 -18.04 -8.74
C ASN C 56 -11.88 -17.97 -9.72
N ASN C 57 -10.70 -18.34 -9.20
CA ASN C 57 -9.47 -18.34 -9.97
C ASN C 57 -9.32 -19.67 -10.69
N VAL C 58 -10.31 -19.97 -11.54
CA VAL C 58 -10.33 -21.23 -12.27
C VAL C 58 -9.59 -21.22 -13.60
N GLN C 59 -9.12 -22.40 -13.99
CA GLN C 59 -8.35 -22.66 -15.20
C GLN C 59 -8.75 -21.99 -16.50
N ASP C 60 -10.00 -22.14 -16.87
CA ASP C 60 -10.51 -21.59 -18.12
C ASP C 60 -10.78 -20.08 -18.14
N THR C 61 -10.34 -19.34 -17.14
CA THR C 61 -10.57 -17.89 -17.08
C THR C 61 -10.18 -17.12 -18.35
N THR C 62 -11.19 -16.51 -18.98
CA THR C 62 -11.02 -15.72 -20.19
C THR C 62 -10.76 -14.27 -19.78
N ASP C 63 -11.64 -13.79 -18.91
CA ASP C 63 -11.63 -12.44 -18.41
C ASP C 63 -11.17 -12.43 -16.94
N GLN C 64 -10.06 -11.73 -16.68
CA GLN C 64 -9.46 -11.61 -15.35
C GLN C 64 -10.40 -11.22 -14.21
N MET C 65 -11.32 -10.30 -14.48
CA MET C 65 -12.26 -9.85 -13.44
C MET C 65 -13.22 -10.93 -12.96
N GLU C 66 -13.37 -11.98 -13.76
CA GLU C 66 -14.24 -13.09 -13.39
C GLU C 66 -13.76 -13.79 -12.13
N MET C 67 -12.47 -13.66 -11.83
CA MET C 67 -11.90 -14.32 -10.67
C MET C 67 -12.50 -13.86 -9.36
N PHE C 68 -13.06 -12.66 -9.36
CA PHE C 68 -13.64 -12.09 -8.16
C PHE C 68 -15.12 -12.42 -8.01
N ARG C 69 -15.71 -13.03 -9.02
CA ARG C 69 -17.12 -13.34 -8.98
C ARG C 69 -17.47 -14.80 -8.72
N ILE C 70 -18.06 -15.07 -7.57
CA ILE C 70 -18.50 -16.42 -7.21
C ILE C 70 -19.92 -16.57 -7.79
N PRO C 71 -20.13 -17.54 -8.71
CA PRO C 71 -21.43 -17.79 -9.35
C PRO C 71 -22.46 -18.44 -8.44
N VAL C 72 -23.67 -17.95 -8.56
CA VAL C 72 -24.77 -18.45 -7.77
C VAL C 72 -25.95 -18.42 -8.78
N THR C 73 -26.77 -19.46 -8.79
CA THR C 73 -27.84 -19.54 -9.77
C THR C 73 -29.18 -20.08 -9.27
N ILE C 74 -30.25 -19.89 -10.05
CA ILE C 74 -31.56 -20.41 -9.65
C ILE C 74 -31.61 -21.92 -9.92
N ASN C 75 -32.57 -22.58 -9.29
CA ASN C 75 -32.79 -24.02 -9.44
C ASN C 75 -31.53 -24.86 -9.29
N ALA C 76 -30.71 -24.53 -8.32
CA ALA C 76 -29.50 -25.29 -8.08
C ALA C 76 -29.93 -26.58 -7.35
N PRO C 77 -29.26 -27.70 -7.63
CA PRO C 77 -29.63 -28.97 -6.96
C PRO C 77 -29.55 -28.74 -5.45
N LEU C 78 -30.45 -29.35 -4.68
CA LEU C 78 -30.41 -29.19 -3.21
C LEU C 78 -29.04 -29.54 -2.61
N GLN C 79 -28.61 -28.75 -1.62
CA GLN C 79 -27.35 -28.95 -0.90
C GLN C 79 -26.09 -28.84 -1.74
N GLN C 80 -26.21 -28.16 -2.87
CA GLN C 80 -25.06 -27.99 -3.74
C GLN C 80 -23.96 -27.11 -3.20
N GLN C 81 -22.73 -27.45 -3.57
CA GLN C 81 -21.58 -26.69 -3.15
C GLN C 81 -21.36 -25.47 -4.04
N VAL C 82 -21.11 -24.33 -3.41
CA VAL C 82 -20.85 -23.08 -4.10
C VAL C 82 -19.36 -22.90 -4.36
N PHE C 83 -18.53 -23.28 -3.40
CA PHE C 83 -17.08 -23.15 -3.55
C PHE C 83 -16.38 -23.86 -2.40
N GLY C 84 -15.07 -23.99 -2.51
CA GLY C 84 -14.30 -24.64 -1.49
C GLY C 84 -12.90 -24.10 -1.61
N LEU C 85 -12.29 -23.76 -0.49
CA LEU C 85 -10.94 -23.24 -0.53
C LEU C 85 -10.13 -23.70 0.66
N ARG C 86 -8.83 -23.83 0.47
CA ARG C 86 -8.00 -24.27 1.58
C ARG C 86 -7.27 -23.13 2.26
N LEU C 87 -7.36 -23.11 3.58
CA LEU C 87 -6.80 -22.07 4.41
C LEU C 87 -5.27 -22.03 4.53
N GLN C 88 -4.63 -21.36 3.59
CA GLN C 88 -3.17 -21.17 3.58
C GLN C 88 -3.13 -19.74 3.07
N PRO C 89 -3.41 -18.77 3.95
CA PRO C 89 -3.43 -17.34 3.59
C PRO C 89 -2.19 -16.79 2.93
N GLY C 90 -1.04 -17.43 3.15
CA GLY C 90 0.17 -16.94 2.54
C GLY C 90 0.66 -17.75 1.35
N LEU C 91 0.10 -18.94 1.20
CA LEU C 91 0.53 -19.86 0.15
C LEU C 91 -0.47 -20.17 -0.96
N ASP C 92 -1.73 -20.38 -0.63
CA ASP C 92 -2.70 -20.70 -1.65
C ASP C 92 -2.99 -19.55 -2.61
N SER C 93 -3.06 -19.84 -3.91
CA SER C 93 -3.31 -18.82 -4.92
C SER C 93 -4.53 -17.96 -4.68
N VAL C 94 -5.52 -18.47 -3.97
CA VAL C 94 -6.72 -17.68 -3.70
C VAL C 94 -6.38 -16.48 -2.79
N PHE C 95 -5.46 -16.67 -1.83
CA PHE C 95 -5.09 -15.60 -0.88
C PHE C 95 -3.73 -14.92 -1.05
N LYS C 96 -2.73 -15.64 -1.54
CA LYS C 96 -1.39 -15.10 -1.64
C LYS C 96 -1.17 -13.71 -2.20
N HIS C 97 -2.06 -13.23 -3.07
CA HIS C 97 -1.86 -11.89 -3.63
C HIS C 97 -2.78 -10.82 -3.13
N THR C 98 -3.56 -11.13 -2.09
CA THR C 98 -4.47 -10.17 -1.47
C THR C 98 -3.59 -9.32 -0.55
N LEU C 99 -4.17 -8.28 0.06
CA LEU C 99 -3.42 -7.42 0.98
C LEU C 99 -2.82 -8.29 2.08
N LEU C 100 -3.67 -9.10 2.71
CA LEU C 100 -3.26 -10.00 3.78
C LEU C 100 -2.15 -10.97 3.34
N GLY C 101 -2.31 -11.59 2.17
CA GLY C 101 -1.31 -12.53 1.70
C GLY C 101 0.03 -11.86 1.38
N GLU C 102 -0.03 -10.66 0.82
CA GLU C 102 1.18 -9.92 0.47
C GLU C 102 1.95 -9.57 1.73
N ILE C 103 1.26 -9.11 2.77
CA ILE C 103 1.95 -8.78 4.03
C ILE C 103 2.55 -10.08 4.61
N LEU C 104 1.76 -11.16 4.63
CA LEU C 104 2.26 -12.43 5.15
C LEU C 104 3.54 -12.89 4.45
N ASN C 105 3.66 -12.59 3.16
CA ASN C 105 4.84 -13.03 2.43
C ASN C 105 6.17 -12.33 2.71
N TYR C 106 6.18 -11.45 3.70
CA TYR C 106 7.41 -10.78 4.13
C TYR C 106 7.77 -11.35 5.48
N TYR C 107 7.07 -12.41 5.89
CA TYR C 107 7.28 -13.07 7.19
C TYR C 107 7.27 -14.57 7.01
N ALA C 108 7.69 -15.31 8.02
CA ALA C 108 7.69 -16.76 7.95
C ALA C 108 6.68 -17.42 8.88
N HIS C 109 6.19 -16.70 9.88
CA HIS C 109 5.23 -17.27 10.83
C HIS C 109 4.00 -16.37 10.92
N TRP C 110 2.86 -16.97 11.22
CA TRP C 110 1.62 -16.20 11.39
C TRP C 110 0.72 -16.87 12.43
N SER C 111 -0.15 -16.08 13.03
CA SER C 111 -1.08 -16.58 14.03
C SER C 111 -2.28 -15.64 14.16
N GLY C 112 -3.46 -16.18 14.44
CA GLY C 112 -4.63 -15.33 14.59
C GLY C 112 -5.84 -15.75 13.78
N SER C 113 -6.97 -15.07 14.03
CA SER C 113 -8.22 -15.34 13.34
C SER C 113 -8.34 -14.46 12.10
N MET C 114 -9.23 -14.88 11.20
CA MET C 114 -9.47 -14.16 9.95
C MET C 114 -10.94 -13.93 9.72
N LYS C 115 -11.24 -12.86 8.99
CA LYS C 115 -12.60 -12.49 8.64
C LYS C 115 -12.75 -12.68 7.14
N LEU C 116 -13.74 -13.50 6.77
CA LEU C 116 -14.07 -13.70 5.37
C LEU C 116 -15.46 -13.08 5.25
N THR C 117 -15.55 -11.92 4.60
CA THR C 117 -16.85 -11.28 4.40
C THR C 117 -17.38 -11.60 3.02
N PHE C 118 -18.64 -12.01 2.97
CA PHE C 118 -19.29 -12.33 1.70
C PHE C 118 -20.37 -11.32 1.45
N VAL C 119 -20.41 -10.78 0.24
CA VAL C 119 -21.40 -9.79 -0.13
C VAL C 119 -22.19 -10.28 -1.34
N PHE C 120 -23.51 -10.32 -1.22
CA PHE C 120 -24.37 -10.75 -2.31
C PHE C 120 -24.60 -9.58 -3.27
N CYS C 121 -24.32 -9.77 -4.57
CA CYS C 121 -24.49 -8.70 -5.55
C CYS C 121 -25.57 -8.91 -6.60
N GLY C 122 -26.64 -9.62 -6.23
CA GLY C 122 -27.72 -9.83 -7.17
C GLY C 122 -28.73 -8.71 -6.96
N SER C 123 -29.91 -8.80 -7.56
CA SER C 123 -30.90 -7.76 -7.36
C SER C 123 -31.53 -7.83 -5.98
N ALA C 124 -32.19 -6.74 -5.57
CA ALA C 124 -32.87 -6.66 -4.29
C ALA C 124 -34.02 -7.68 -4.22
N MET C 125 -34.48 -8.15 -5.37
CA MET C 125 -35.59 -9.09 -5.41
C MET C 125 -35.24 -10.56 -5.21
N ALA C 126 -33.96 -10.90 -5.27
CA ALA C 126 -33.53 -12.29 -5.08
C ALA C 126 -33.40 -12.59 -3.60
N THR C 127 -33.57 -13.86 -3.27
CA THR C 127 -33.51 -14.36 -1.90
C THR C 127 -32.64 -15.62 -1.85
N GLY C 128 -32.18 -15.99 -0.66
CA GLY C 128 -31.38 -17.19 -0.52
C GLY C 128 -30.73 -17.31 0.84
N LYS C 129 -30.41 -18.55 1.22
CA LYS C 129 -29.74 -18.86 2.47
C LYS C 129 -28.58 -19.78 2.11
N PHE C 130 -27.39 -19.48 2.63
CA PHE C 130 -26.20 -20.27 2.37
C PHE C 130 -25.54 -20.68 3.67
N LEU C 131 -24.92 -21.86 3.67
CA LEU C 131 -24.23 -22.35 4.85
C LEU C 131 -22.75 -22.22 4.52
N ILE C 132 -22.02 -21.44 5.30
CA ILE C 132 -20.59 -21.22 5.09
C ILE C 132 -19.88 -21.83 6.31
N ALA C 133 -18.98 -22.78 6.05
CA ALA C 133 -18.30 -23.46 7.14
C ALA C 133 -16.77 -23.52 7.07
N TYR C 134 -16.18 -23.75 8.24
CA TYR C 134 -14.75 -23.87 8.42
C TYR C 134 -14.49 -25.25 9.04
N SER C 135 -13.63 -26.05 8.43
CA SER C 135 -13.31 -27.36 8.94
C SER C 135 -11.87 -27.45 9.39
N PRO C 136 -11.63 -27.61 10.69
CA PRO C 136 -10.26 -27.72 11.20
C PRO C 136 -9.63 -28.91 10.45
N PRO C 137 -8.29 -28.93 10.32
CA PRO C 137 -7.67 -30.05 9.62
C PRO C 137 -7.98 -31.47 10.12
N GLY C 138 -7.90 -32.40 9.20
CA GLY C 138 -8.19 -33.80 9.47
C GLY C 138 -7.76 -34.48 8.19
N ALA C 139 -7.78 -35.80 8.15
CA ALA C 139 -7.34 -36.49 6.93
C ALA C 139 -8.13 -36.17 5.65
N ASN C 140 -9.43 -35.85 5.78
CA ASN C 140 -10.28 -35.58 4.61
C ASN C 140 -11.16 -34.36 4.62
N PRO C 141 -11.17 -33.61 3.52
CA PRO C 141 -12.01 -32.40 3.43
C PRO C 141 -13.49 -32.79 3.29
N PRO C 142 -14.41 -31.90 3.69
CA PRO C 142 -15.85 -32.21 3.58
C PRO C 142 -16.28 -32.31 2.13
N LYS C 143 -16.99 -33.36 1.76
CA LYS C 143 -17.44 -33.50 0.38
C LYS C 143 -18.93 -33.21 0.25
N THR C 144 -19.61 -33.09 1.37
CA THR C 144 -21.03 -32.89 1.35
C THR C 144 -21.46 -31.85 2.40
N ARG C 145 -22.60 -31.19 2.21
CA ARG C 145 -23.06 -30.19 3.18
C ARG C 145 -23.22 -30.82 4.56
N LYS C 146 -23.63 -32.10 4.57
CA LYS C 146 -23.82 -32.84 5.81
C LYS C 146 -22.45 -32.89 6.52
N ASP C 147 -21.37 -33.13 5.76
CA ASP C 147 -20.00 -33.21 6.33
C ASP C 147 -19.59 -31.83 6.85
N ALA C 148 -19.82 -30.81 6.03
CA ALA C 148 -19.46 -29.45 6.36
C ALA C 148 -20.14 -28.86 7.59
N MET C 149 -21.44 -29.14 7.75
CA MET C 149 -22.19 -28.59 8.88
C MET C 149 -21.77 -29.04 10.27
N LEU C 150 -20.86 -30.02 10.35
CA LEU C 150 -20.38 -30.51 11.64
C LEU C 150 -19.29 -29.60 12.19
N GLY C 151 -18.73 -28.73 11.35
CA GLY C 151 -17.68 -27.82 11.78
C GLY C 151 -18.20 -26.44 12.11
N THR C 152 -17.31 -25.49 12.26
CA THR C 152 -17.68 -24.13 12.59
C THR C 152 -18.39 -23.51 11.39
N HIS C 153 -19.61 -23.04 11.57
CA HIS C 153 -20.31 -22.46 10.44
C HIS C 153 -21.31 -21.39 10.82
N ILE C 154 -21.80 -20.68 9.81
CA ILE C 154 -22.80 -19.66 9.98
C ILE C 154 -23.79 -19.84 8.82
N ILE C 155 -25.07 -19.58 9.08
CA ILE C 155 -26.10 -19.70 8.05
C ILE C 155 -26.50 -18.27 7.71
N TRP C 156 -26.14 -17.88 6.48
CA TRP C 156 -26.34 -16.56 5.93
C TRP C 156 -27.69 -16.37 5.26
N ASP C 157 -28.46 -15.39 5.68
CA ASP C 157 -29.76 -15.12 5.06
C ASP C 157 -29.68 -13.79 4.32
N ILE C 158 -30.11 -13.76 3.07
CA ILE C 158 -30.06 -12.52 2.33
C ILE C 158 -31.27 -11.57 2.59
N GLY C 159 -30.97 -10.30 2.84
CA GLY C 159 -32.02 -9.32 3.12
C GLY C 159 -31.42 -7.93 2.89
N LEU C 160 -31.80 -6.93 3.71
CA LEU C 160 -31.26 -5.56 3.58
C LEU C 160 -29.74 -5.56 3.78
N GLN C 161 -29.28 -6.33 4.77
CA GLN C 161 -27.85 -6.49 5.08
C GLN C 161 -27.33 -7.49 4.03
N SER C 162 -26.60 -6.95 3.06
CA SER C 162 -26.04 -7.69 1.94
C SER C 162 -24.83 -8.55 2.25
N SER C 163 -24.06 -8.15 3.26
CA SER C 163 -22.86 -8.88 3.64
C SER C 163 -22.98 -9.72 4.89
N CYS C 164 -22.17 -10.77 4.94
CA CYS C 164 -22.14 -11.69 6.07
C CYS C 164 -20.69 -12.01 6.34
N VAL C 165 -20.34 -12.11 7.62
CA VAL C 165 -18.97 -12.40 8.03
C VAL C 165 -18.74 -13.77 8.68
N LEU C 166 -17.94 -14.61 8.04
CA LEU C 166 -17.59 -15.90 8.61
C LEU C 166 -16.25 -15.58 9.25
N CYS C 167 -16.14 -15.76 10.55
CA CYS C 167 -14.91 -15.46 11.23
C CYS C 167 -14.23 -16.80 11.52
N VAL C 168 -13.13 -17.09 10.83
CA VAL C 168 -12.45 -18.37 11.07
C VAL C 168 -11.46 -18.22 12.23
N PRO C 169 -11.78 -18.88 13.37
CA PRO C 169 -10.99 -18.85 14.60
C PRO C 169 -9.63 -19.50 14.51
N TRP C 170 -8.75 -19.13 15.42
CA TRP C 170 -7.43 -19.72 15.42
C TRP C 170 -7.54 -21.01 16.23
N ILE C 171 -7.56 -22.15 15.54
CA ILE C 171 -7.61 -23.46 16.19
C ILE C 171 -6.36 -24.18 15.66
N SER C 172 -5.36 -24.35 16.52
CA SER C 172 -4.11 -24.93 16.10
C SER C 172 -3.43 -25.59 17.28
N GLN C 173 -2.55 -26.55 17.01
CA GLN C 173 -1.81 -27.19 18.09
C GLN C 173 -0.65 -26.29 18.47
N THR C 174 -0.10 -25.55 17.51
CA THR C 174 1.02 -24.65 17.77
C THR C 174 0.52 -23.21 17.85
N HIS C 175 1.29 -22.36 18.51
CA HIS C 175 0.93 -20.96 18.65
C HIS C 175 0.99 -20.23 17.30
N TYR C 176 1.89 -20.67 16.43
CA TYR C 176 2.08 -20.07 15.11
C TYR C 176 2.13 -21.14 14.03
N ARG C 177 1.72 -20.77 12.82
CA ARG C 177 1.79 -21.65 11.66
C ARG C 177 2.81 -21.01 10.71
N LEU C 178 3.31 -21.77 9.75
CA LEU C 178 4.28 -21.24 8.79
C LEU C 178 3.56 -20.58 7.61
N VAL C 179 4.15 -19.52 7.06
CA VAL C 179 3.55 -18.85 5.89
C VAL C 179 3.70 -19.85 4.73
N GLN C 180 4.88 -20.49 4.65
CA GLN C 180 5.17 -21.53 3.67
C GLN C 180 4.58 -22.79 4.35
N GLN C 181 3.25 -22.82 4.45
CA GLN C 181 2.53 -23.90 5.11
C GLN C 181 2.83 -25.33 4.65
N ASP C 182 2.83 -26.25 5.60
CA ASP C 182 3.03 -27.66 5.29
C ASP C 182 1.95 -28.49 5.98
N GLU C 183 2.06 -29.81 5.89
CA GLU C 183 1.03 -30.65 6.46
C GLU C 183 0.93 -30.51 7.97
N TYR C 184 2.09 -30.45 8.64
CA TYR C 184 2.16 -30.32 10.09
C TYR C 184 1.45 -29.07 10.58
N THR C 185 1.57 -28.04 9.75
CA THR C 185 1.04 -26.74 10.02
C THR C 185 -0.29 -26.47 9.27
N SER C 186 -0.96 -27.55 8.90
CA SER C 186 -2.22 -27.48 8.17
C SER C 186 -3.31 -26.69 8.91
N ALA C 187 -4.08 -25.87 8.18
CA ALA C 187 -5.14 -25.05 8.76
C ALA C 187 -6.57 -25.45 8.43
N GLY C 188 -6.78 -26.29 7.42
CA GLY C 188 -8.16 -26.66 7.12
C GLY C 188 -8.79 -26.10 5.86
N TYR C 189 -10.12 -26.19 5.79
CA TYR C 189 -10.85 -25.76 4.62
C TYR C 189 -12.04 -24.89 4.93
N VAL C 190 -12.41 -24.05 3.97
CA VAL C 190 -13.59 -23.21 4.11
C VAL C 190 -14.46 -23.57 2.89
N THR C 191 -15.70 -23.97 3.15
CA THR C 191 -16.60 -24.33 2.07
C THR C 191 -17.96 -23.66 2.19
N CYS C 192 -18.64 -23.52 1.06
CA CYS C 192 -19.94 -22.88 1.04
C CYS C 192 -20.96 -23.74 0.29
N TRP C 193 -22.18 -23.81 0.82
CA TRP C 193 -23.24 -24.64 0.25
C TRP C 193 -24.56 -23.90 0.22
N TYR C 194 -25.46 -24.33 -0.66
CA TYR C 194 -26.80 -23.75 -0.69
C TYR C 194 -27.53 -24.31 0.54
N GLN C 195 -28.09 -23.44 1.38
CA GLN C 195 -28.85 -23.91 2.54
C GLN C 195 -30.28 -24.24 2.05
N THR C 196 -30.85 -23.30 1.29
CA THR C 196 -32.16 -23.49 0.69
C THR C 196 -31.87 -23.39 -0.82
N GLY C 197 -32.02 -22.20 -1.40
CA GLY C 197 -31.71 -21.99 -2.80
C GLY C 197 -31.93 -20.53 -3.11
N MET C 198 -31.39 -20.04 -4.23
CA MET C 198 -31.61 -18.66 -4.63
C MET C 198 -32.94 -18.63 -5.39
N ILE C 199 -33.97 -18.04 -4.79
CA ILE C 199 -35.28 -17.95 -5.43
C ILE C 199 -35.43 -16.56 -6.01
N VAL C 200 -36.17 -16.48 -7.11
CA VAL C 200 -36.29 -15.22 -7.83
C VAL C 200 -37.72 -14.97 -8.34
N PRO C 201 -38.15 -13.70 -8.38
CA PRO C 201 -39.51 -13.47 -8.91
C PRO C 201 -39.42 -13.27 -10.43
N PRO C 202 -40.56 -13.08 -11.11
CA PRO C 202 -40.44 -12.90 -12.56
C PRO C 202 -39.71 -11.60 -12.93
N GLY C 203 -38.97 -11.65 -14.03
CA GLY C 203 -38.29 -10.45 -14.50
C GLY C 203 -37.01 -10.03 -13.84
N THR C 204 -36.24 -10.99 -13.35
CA THR C 204 -34.96 -10.70 -12.73
C THR C 204 -33.98 -11.69 -13.35
N PRO C 205 -32.67 -11.35 -13.40
CA PRO C 205 -31.64 -12.24 -13.97
C PRO C 205 -31.63 -13.61 -13.28
N ASN C 206 -31.20 -14.64 -14.00
CA ASN C 206 -31.18 -16.01 -13.50
C ASN C 206 -30.01 -16.43 -12.63
N SER C 207 -28.93 -15.68 -12.70
CA SER C 207 -27.76 -15.97 -11.91
C SER C 207 -27.19 -14.65 -11.39
N SER C 208 -26.40 -14.74 -10.32
CA SER C 208 -25.81 -13.56 -9.72
C SER C 208 -24.44 -13.91 -9.15
N SER C 209 -23.72 -12.88 -8.73
CA SER C 209 -22.39 -13.05 -8.17
C SER C 209 -22.32 -12.72 -6.69
N ILE C 210 -21.42 -13.41 -6.02
CA ILE C 210 -21.14 -13.18 -4.60
C ILE C 210 -19.64 -12.82 -4.58
N MET C 211 -19.24 -11.86 -3.74
CA MET C 211 -17.83 -11.49 -3.61
C MET C 211 -17.35 -11.85 -2.22
N CYS C 212 -16.04 -12.10 -2.11
CA CYS C 212 -15.41 -12.47 -0.87
C CYS C 212 -14.26 -11.54 -0.49
N PHE C 213 -14.32 -10.98 0.72
CA PHE C 213 -13.26 -10.09 1.20
C PHE C 213 -12.57 -10.84 2.32
N ALA C 214 -11.30 -10.51 2.56
CA ALA C 214 -10.54 -11.14 3.64
C ALA C 214 -9.67 -10.10 4.36
N SER C 215 -9.56 -10.26 5.68
CA SER C 215 -8.72 -9.38 6.50
C SER C 215 -8.41 -10.11 7.80
N ALA C 216 -7.43 -9.59 8.54
CA ALA C 216 -7.03 -10.19 9.80
C ALA C 216 -7.85 -9.63 10.96
N CYS C 217 -7.94 -10.39 12.06
CA CYS C 217 -8.64 -9.94 13.26
C CYS C 217 -7.63 -9.29 14.21
N ASN C 218 -8.11 -8.80 15.34
CA ASN C 218 -7.23 -8.15 16.32
C ASN C 218 -6.32 -9.09 17.12
N ASP C 219 -6.43 -10.40 16.91
CA ASP C 219 -5.57 -11.36 17.61
C ASP C 219 -4.50 -11.90 16.65
N PHE C 220 -4.42 -11.32 15.47
CA PHE C 220 -3.50 -11.73 14.42
C PHE C 220 -2.14 -11.02 14.47
N SER C 221 -1.07 -11.77 14.23
CA SER C 221 0.29 -11.22 14.20
C SER C 221 1.22 -12.08 13.35
N VAL C 222 2.32 -11.50 12.89
CA VAL C 222 3.29 -12.21 12.07
C VAL C 222 4.67 -12.13 12.74
N ARG C 223 5.54 -13.08 12.40
CA ARG C 223 6.86 -13.16 13.01
C ARG C 223 7.88 -13.54 11.95
N MET C 224 9.16 -13.34 12.27
CA MET C 224 10.26 -13.73 11.38
C MET C 224 10.29 -13.05 10.01
N LEU C 225 10.84 -11.85 9.97
CA LEU C 225 10.95 -11.08 8.73
C LEU C 225 11.73 -11.88 7.67
N ARG C 226 11.23 -11.91 6.44
CA ARG C 226 11.93 -12.59 5.34
C ARG C 226 11.61 -11.90 4.01
N ASP C 227 12.42 -12.15 2.99
CA ASP C 227 12.18 -11.57 1.68
C ASP C 227 11.02 -12.29 1.01
N THR C 228 10.31 -11.59 0.14
CA THR C 228 9.15 -12.16 -0.54
C THR C 228 9.51 -12.90 -1.82
N PRO C 229 8.82 -14.01 -2.11
CA PRO C 229 9.10 -14.78 -3.33
C PRO C 229 8.51 -14.09 -4.56
N PHE C 230 7.68 -13.08 -4.34
CA PHE C 230 6.97 -12.40 -5.42
C PHE C 230 7.65 -11.32 -6.26
N ILE C 231 8.93 -11.09 -6.10
CA ILE C 231 9.57 -10.06 -6.92
C ILE C 231 11.02 -10.46 -7.17
N SER C 232 11.50 -10.27 -8.40
CA SER C 232 12.88 -10.63 -8.73
C SER C 232 13.44 -9.86 -9.92
N GLN C 233 14.71 -10.11 -10.24
CA GLN C 233 15.34 -9.44 -11.37
C GLN C 233 16.58 -10.20 -11.82
N ASP C 234 16.92 -10.08 -13.09
CA ASP C 234 18.08 -10.73 -13.69
C ASP C 234 19.14 -9.67 -13.91
N ASN C 235 18.73 -8.43 -13.99
CA ASN C 235 19.66 -7.33 -14.23
C ASN C 235 19.30 -6.10 -13.46
N LYS C 236 20.28 -5.20 -13.29
CA LYS C 236 20.03 -3.91 -12.64
C LYS C 236 19.03 -3.23 -13.59
N LEU C 237 18.11 -2.45 -13.07
CA LEU C 237 17.17 -1.75 -13.93
C LEU C 237 17.89 -0.52 -14.49
N GLN C 238 18.01 -0.45 -15.83
CA GLN C 238 18.70 0.60 -16.62
C GLN C 238 20.15 0.29 -17.09
N GLY D 1 24.59 11.31 30.29
CA GLY D 1 23.28 11.03 30.82
C GLY D 1 22.86 9.77 30.04
N ALA D 2 23.03 8.63 30.69
CA ALA D 2 22.71 7.34 30.12
C ALA D 2 21.23 7.04 30.25
N GLN D 3 20.65 6.42 29.23
CA GLN D 3 19.26 6.03 29.26
C GLN D 3 19.25 4.54 29.52
N VAL D 4 18.37 4.11 30.41
CA VAL D 4 18.26 2.71 30.76
C VAL D 4 16.82 2.24 30.44
N SER D 5 16.67 1.22 29.59
CA SER D 5 15.31 0.73 29.29
C SER D 5 15.27 -0.79 29.20
N THR D 6 14.06 -1.35 29.15
CA THR D 6 13.86 -2.79 29.11
C THR D 6 14.16 -3.45 27.77
N GLN D 7 14.63 -4.68 27.81
CA GLN D 7 14.94 -5.43 26.61
C GLN D 7 13.71 -6.23 26.15
N LYS D 8 13.80 -6.76 24.93
CA LYS D 8 12.75 -7.59 24.38
C LYS D 8 13.02 -8.96 25.03
N THR D 9 11.97 -9.57 25.57
CA THR D 9 12.06 -10.85 26.23
C THR D 9 12.77 -12.01 25.45
N GLY D 10 13.57 -12.81 26.17
CA GLY D 10 14.28 -13.92 25.55
C GLY D 10 13.70 -15.29 25.87
N ALA D 11 14.51 -16.34 25.72
CA ALA D 11 14.06 -17.72 25.99
C ALA D 11 13.68 -17.97 27.46
N HIS D 12 14.26 -17.17 28.37
CA HIS D 12 14.01 -17.30 29.81
C HIS D 12 13.03 -16.29 30.43
N GLU D 13 12.30 -16.75 31.46
CA GLU D 13 11.30 -15.94 32.17
C GLU D 13 11.84 -14.80 33.07
N THR D 14 11.48 -13.56 32.71
CA THR D 14 11.85 -12.29 33.37
C THR D 14 12.03 -12.28 34.90
N SER D 22 15.08 -7.57 38.87
CA SER D 22 14.98 -7.66 37.37
C SER D 22 16.36 -7.48 36.74
N ILE D 23 16.70 -8.38 35.81
CA ILE D 23 17.99 -8.40 35.12
C ILE D 23 17.93 -7.96 33.62
N ILE D 24 16.73 -7.87 33.03
CA ILE D 24 16.57 -7.52 31.62
C ILE D 24 16.36 -6.06 31.17
N HIS D 25 17.38 -5.25 31.33
CA HIS D 25 17.35 -3.85 30.93
C HIS D 25 18.73 -3.60 30.33
N TYR D 26 18.82 -2.70 29.36
CA TYR D 26 20.09 -2.37 28.72
C TYR D 26 20.32 -0.88 28.85
N THR D 27 21.56 -0.46 28.73
CA THR D 27 21.83 0.96 28.85
C THR D 27 22.45 1.53 27.56
N ASN D 28 22.07 2.76 27.24
CA ASN D 28 22.54 3.43 26.06
C ASN D 28 23.02 4.86 26.36
N ILE D 29 24.01 5.33 25.60
CA ILE D 29 24.55 6.68 25.73
C ILE D 29 24.79 7.12 24.29
N ASN D 30 24.35 8.33 23.93
CA ASN D 30 24.56 8.83 22.57
C ASN D 30 25.93 9.48 22.45
N TYR D 31 26.67 9.16 21.41
CA TYR D 31 28.00 9.71 21.25
C TYR D 31 28.13 10.82 20.22
N TYR D 32 27.09 11.04 19.41
CA TYR D 32 27.16 12.05 18.34
C TYR D 32 26.26 13.27 18.51
N LYS D 33 26.63 14.37 17.86
CA LYS D 33 25.90 15.64 17.97
C LYS D 33 24.64 15.75 17.13
N ASP D 34 24.42 14.79 16.24
CA ASP D 34 23.24 14.81 15.37
C ASP D 34 22.34 13.62 15.68
N ALA D 35 21.05 13.87 15.83
CA ALA D 35 20.10 12.79 16.12
C ALA D 35 20.06 11.73 14.99
N ALA D 36 20.42 12.13 13.77
CA ALA D 36 20.46 11.19 12.66
C ALA D 36 21.41 10.01 12.97
N SER D 37 22.44 10.29 13.78
CA SER D 37 23.44 9.29 14.17
C SER D 37 22.91 8.21 15.11
N ASN D 38 21.83 8.51 15.84
CA ASN D 38 21.23 7.56 16.79
C ASN D 38 20.76 6.24 16.20
N SER D 39 20.66 5.22 17.05
CA SER D 39 20.20 3.89 16.63
C SER D 39 18.69 3.97 16.34
N ALA D 40 18.11 2.88 15.83
CA ALA D 40 16.70 2.83 15.46
C ALA D 40 15.70 2.84 16.60
N ASN D 41 14.45 3.16 16.30
CA ASN D 41 13.35 3.16 17.28
C ASN D 41 12.65 1.83 17.15
N ARG D 42 13.36 0.77 17.49
CA ARG D 42 12.86 -0.61 17.41
C ARG D 42 11.72 -0.90 18.39
N GLN D 43 11.58 -0.05 19.41
CA GLN D 43 10.59 -0.29 20.46
C GLN D 43 9.35 0.59 20.63
N ASP D 44 8.89 1.24 19.57
CA ASP D 44 7.66 2.06 19.67
C ASP D 44 6.54 1.15 19.14
N PHE D 45 5.57 0.80 19.98
CA PHE D 45 4.48 -0.07 19.54
C PHE D 45 3.08 0.59 19.47
N THR D 46 3.04 1.92 19.34
CA THR D 46 1.78 2.67 19.21
C THR D 46 1.16 2.16 17.91
N GLN D 47 -0.16 1.98 17.89
CA GLN D 47 -0.80 1.45 16.69
C GLN D 47 -2.32 1.75 16.62
N ASP D 48 -2.79 2.16 15.45
CA ASP D 48 -4.21 2.49 15.23
C ASP D 48 -4.69 2.03 13.83
N PRO D 49 -5.48 0.94 13.74
CA PRO D 49 -5.94 0.50 12.42
C PRO D 49 -7.23 1.17 11.91
N SER D 50 -7.88 2.02 12.72
CA SER D 50 -9.15 2.63 12.30
C SER D 50 -9.20 3.71 11.19
N LYS D 51 -8.08 4.35 10.84
CA LYS D 51 -8.08 5.33 9.73
C LYS D 51 -8.42 4.54 8.48
N PHE D 52 -7.93 3.30 8.46
CA PHE D 52 -8.10 2.38 7.35
C PHE D 52 -9.31 1.41 7.46
N THR D 53 -9.48 0.76 8.63
CA THR D 53 -10.60 -0.18 8.82
C THR D 53 -12.00 0.44 9.00
N GLU D 54 -12.06 1.68 9.48
CA GLU D 54 -13.35 2.35 9.65
C GLU D 54 -13.36 3.88 9.52
N PRO D 55 -13.15 4.41 8.29
CA PRO D 55 -13.14 5.87 8.03
C PRO D 55 -14.55 6.46 7.82
N VAL D 56 -15.59 5.84 8.40
CA VAL D 56 -16.96 6.33 8.25
C VAL D 56 -17.34 7.46 9.22
N LYS D 57 -17.91 8.54 8.68
CA LYS D 57 -18.34 9.72 9.42
C LYS D 57 -19.15 9.38 10.67
N ASP D 58 -20.17 8.54 10.48
CA ASP D 58 -21.04 8.12 11.59
C ASP D 58 -20.53 6.77 12.13
N VAL D 59 -20.17 6.75 13.42
CA VAL D 59 -19.65 5.54 14.07
C VAL D 59 -20.67 4.38 14.07
N MET D 60 -20.20 3.16 13.80
CA MET D 60 -21.08 1.98 13.77
C MET D 60 -20.76 0.83 14.74
N ILE D 61 -21.63 0.69 15.74
CA ILE D 61 -21.55 -0.32 16.81
C ILE D 61 -21.92 -1.68 16.18
N LYS D 62 -21.11 -2.72 16.43
CA LYS D 62 -21.32 -4.09 15.88
C LYS D 62 -22.69 -4.78 16.08
N SER D 63 -23.25 -4.69 17.29
CA SER D 63 -24.54 -5.29 17.62
C SER D 63 -25.75 -4.85 16.74
N LEU D 64 -25.86 -3.55 16.49
CA LEU D 64 -26.92 -2.93 15.67
C LEU D 64 -26.72 -3.16 14.14
N PRO D 65 -27.81 -3.26 13.35
CA PRO D 65 -27.71 -3.46 11.89
C PRO D 65 -27.01 -2.27 11.19
N ALA D 66 -26.36 -2.53 10.04
CA ALA D 66 -25.64 -1.50 9.30
C ALA D 66 -26.52 -0.48 8.55
N LEU D 67 -27.53 -0.96 7.82
CA LEU D 67 -28.45 -0.08 7.08
C LEU D 67 -29.82 0.13 7.74
N ASN D 68 -30.29 1.38 7.68
CA ASN D 68 -31.58 1.91 8.20
C ASN D 68 -32.02 1.73 9.65
#